data_4J3S
#
_entry.id   4J3S
#
_cell.length_a   169.260
_cell.length_b   81.240
_cell.length_c   58.230
_cell.angle_alpha   90.000
_cell.angle_beta   101.140
_cell.angle_gamma   90.000
#
_symmetry.space_group_name_H-M   'C 1 2 1'
#
loop_
_entity.id
_entity.type
_entity.pdbx_description
1 polymer 'Limit dextrinase'
2 branched alpha-D-glucopyranose-(1-4)-alpha-D-glucopyranose-(1-4)-alpha-D-glucopyranose-(1-4)-alpha-D-glucopyranose
3 branched alpha-D-glucopyranose-(1-4)-alpha-D-glucopyranose-(1-4)-alpha-D-glucopyranose
4 non-polymer 'IODIDE ION'
5 non-polymer 'CALCIUM ION'
6 non-polymer GLYCEROL
7 water water
#
_entity_poly.entity_id   1
_entity_poly.type   'polypeptide(L)'
_entity_poly.pdbx_seq_one_letter_code
;MGSSHHHHHHSSGLVPRGSHMAFMPDARAYWVTSDLIAWNVGELEAQSVCLYASRAAAMSLSPSNGGIQGYDSKVELQPE
SAGLPETVTQKFPFISSYRAFRVPSSVDVASLVKCQLVVASFGADGKHVDVTGLQLPGVLDDMFAYTGPLGAVFSEDSVS
LHLWAPTAQGVSVCFFDGPAGPALETVQLKESNGVWSVTGPREWENRYYLYEVDVYHPTKAQVLKCLAGDPYARSLSANG
ARTWLVDINNETLKPASWDELADEKPKLDSFSDITIYELHIRDFSAHDGTVDSDSRGGFRAFAYQASAGMEHLRKLSDAG
LTHVHLLPSFHFAGVDDIKSNWKFVDECELATFPPGSDMQQAAVVAIQEEDPYNWGYNPVLWGVPKGSYASDPDGPSRII
EYRQMVQALNRIGLRVVMDVVYNHLDSSGPCGISSVLDKIVPGYYVRRDTNGQIENSAAMNNTASEHFMVDRLIVDDLLN
WAVNYKVDGFRFDLMGHIMKRTMMRAKSALQSLTTDAHGVDGSKIYLYGEGWDFAEVARNQRGINGSQLNMSGTGIGSFN
DRIRDAINGGNPFGNPLQQGFNTGLFLEPNGFYQGNEADTRRSLATYADQIQIGLAGNLRDYVLISHTGEAKKGSEIHTF
DGLPVGYTASPIETINYVSAHDNETLFDVISVKTPMILSVDERCRINHLASSMMALSQGIPFFHAGDEILRSKSIDRDSY
NSGDWFNKLDFTYETNNWGVGLPPSEKNEDNWPLMKPRLENPSFKPAKGHILAALDSFVDILKIRYSSPLFRLSTANDIK
QRVRFHNTGPSLVPGVIVMGIEDARGESPEMAQLDTNFSYVVTVFNVCPHEVSMDIPALASMGFELHPVQVNSSDTLVRK
SAYEAATGRFTVPGRTVSVFVEPRC
;
_entity_poly.pdbx_strand_id   A
#
loop_
_chem_comp.id
_chem_comp.type
_chem_comp.name
_chem_comp.formula
CA non-polymer 'CALCIUM ION' 'Ca 2'
GLC D-saccharide, alpha linking alpha-D-glucopyranose 'C6 H12 O6'
GOL non-polymer GLYCEROL 'C3 H8 O3'
IOD non-polymer 'IODIDE ION' 'I -1'
#
# COMPACT_ATOMS: atom_id res chain seq x y z
N PRO A 25 -8.17 19.51 23.35
CA PRO A 25 -7.53 20.45 24.26
C PRO A 25 -6.21 19.91 24.85
N ASP A 26 -5.69 20.64 25.84
CA ASP A 26 -4.38 20.37 26.43
C ASP A 26 -4.37 19.14 27.35
N ALA A 27 -3.62 18.11 26.97
CA ALA A 27 -3.52 16.89 27.75
C ALA A 27 -2.07 16.40 27.78
N ARG A 28 -1.31 16.84 28.79
CA ARG A 28 0.11 16.53 28.86
C ARG A 28 0.44 15.40 29.82
N ALA A 29 -0.55 14.97 30.60
CA ALA A 29 -0.37 13.85 31.51
C ALA A 29 -0.98 12.58 30.91
N TYR A 30 -0.44 11.44 31.31
CA TYR A 30 -0.82 10.14 30.77
C TYR A 30 -1.27 9.22 31.90
N TRP A 31 -2.49 8.67 31.77
CA TRP A 31 -2.94 7.61 32.66
C TRP A 31 -2.53 6.30 32.01
N VAL A 32 -1.46 5.70 32.54
CA VAL A 32 -0.75 4.60 31.86
C VAL A 32 -1.12 3.21 32.37
N THR A 33 -1.46 3.10 33.65
CA THR A 33 -2.00 1.85 34.24
C THR A 33 -3.08 2.20 35.23
N SER A 34 -3.83 1.21 35.69
CA SER A 34 -4.88 1.45 36.68
C SER A 34 -4.37 2.28 37.86
N ASP A 35 -3.14 1.99 38.32
CA ASP A 35 -2.60 2.65 39.50
C ASP A 35 -1.53 3.73 39.26
N LEU A 36 -1.21 4.04 38.00
CA LEU A 36 -0.13 4.98 37.69
CA LEU A 36 -0.13 4.98 37.70
C LEU A 36 -0.48 6.04 36.65
N ILE A 37 -0.18 7.30 36.99
CA ILE A 37 -0.28 8.41 36.06
C ILE A 37 1.15 8.94 35.86
N ALA A 38 1.51 9.24 34.61
CA ALA A 38 2.81 9.79 34.27
C ALA A 38 2.68 11.25 33.83
N TRP A 39 3.56 12.11 34.36
CA TRP A 39 3.54 13.53 34.01
C TRP A 39 4.92 14.15 34.19
N ASN A 40 5.36 14.90 33.19
CA ASN A 40 6.70 15.51 33.21
C ASN A 40 6.71 16.83 33.99
N VAL A 41 6.48 16.73 35.30
CA VAL A 41 6.55 17.88 36.20
C VAL A 41 7.84 17.81 37.00
N GLY A 42 8.46 18.97 37.22
CA GLY A 42 9.78 19.05 37.85
C GLY A 42 9.84 18.53 39.28
N SER A 48 3.13 18.46 44.99
CA SER A 48 1.87 17.76 45.18
C SER A 48 1.02 17.76 43.90
N VAL A 49 0.46 16.60 43.57
CA VAL A 49 -0.39 16.45 42.39
C VAL A 49 -1.74 15.84 42.79
N CYS A 50 -2.85 16.38 42.26
CA CYS A 50 -4.18 15.91 42.51
CA CYS A 50 -4.17 15.92 42.51
C CYS A 50 -4.96 15.62 41.23
N LEU A 51 -5.81 14.61 41.27
CA LEU A 51 -6.67 14.23 40.15
C LEU A 51 -8.10 14.69 40.42
N TYR A 52 -8.72 15.33 39.42
CA TYR A 52 -10.10 15.81 39.52
C TYR A 52 -10.96 15.14 38.46
N ALA A 53 -12.17 14.75 38.83
CA ALA A 53 -13.11 14.11 37.90
C ALA A 53 -14.51 14.72 38.01
N SER A 54 -15.13 14.94 36.84
CA SER A 54 -16.52 15.38 36.74
C SER A 54 -17.28 14.57 35.69
N ARG A 55 -18.27 13.80 36.14
CA ARG A 55 -19.07 12.96 35.25
C ARG A 55 -19.91 13.77 34.25
N ALA A 56 -20.30 14.97 34.63
CA ALA A 56 -21.13 15.82 33.76
C ALA A 56 -20.30 16.79 32.89
N ALA A 57 -18.98 16.71 33.01
CA ALA A 57 -18.06 17.64 32.34
C ALA A 57 -18.32 19.09 32.75
N ALA A 58 -18.38 19.32 34.06
CA ALA A 58 -18.79 20.61 34.61
C ALA A 58 -17.61 21.51 35.03
N MET A 59 -16.39 21.00 34.96
CA MET A 59 -15.22 21.73 35.45
C MET A 59 -14.81 22.88 34.52
N GLN A 69 -12.98 23.69 40.52
CA GLN A 69 -14.41 23.70 40.82
C GLN A 69 -15.21 22.82 39.85
N GLY A 70 -16.30 22.25 40.35
CA GLY A 70 -17.22 21.45 39.54
C GLY A 70 -16.99 19.95 39.59
N TYR A 71 -15.92 19.54 40.27
CA TYR A 71 -15.55 18.12 40.34
C TYR A 71 -16.45 17.34 41.28
N ASP A 72 -16.70 16.08 40.94
CA ASP A 72 -17.43 15.14 41.79
C ASP A 72 -16.46 14.30 42.62
N SER A 73 -15.20 14.28 42.19
CA SER A 73 -14.15 13.51 42.86
C SER A 73 -12.84 14.31 42.88
N LYS A 74 -12.11 14.19 43.98
CA LYS A 74 -10.78 14.77 44.09
C LYS A 74 -9.87 13.74 44.77
N VAL A 75 -8.78 13.37 44.09
CA VAL A 75 -7.91 12.31 44.58
C VAL A 75 -6.44 12.76 44.55
N GLU A 76 -5.84 12.84 45.73
CA GLU A 76 -4.43 13.19 45.85
C GLU A 76 -3.56 12.03 45.34
N LEU A 77 -2.63 12.34 44.45
CA LEU A 77 -1.71 11.33 43.92
C LEU A 77 -0.38 11.45 44.62
N GLN A 78 0.16 10.32 45.08
CA GLN A 78 1.46 10.31 45.73
C GLN A 78 2.55 9.93 44.72
N PRO A 79 3.71 10.59 44.79
CA PRO A 79 4.82 10.18 43.92
C PRO A 79 5.18 8.72 44.14
N GLU A 80 5.41 8.01 43.05
CA GLU A 80 5.75 6.60 43.12
C GLU A 80 7.27 6.45 43.00
N SER A 81 7.92 6.13 44.12
CA SER A 81 9.38 6.03 44.14
C SER A 81 9.91 4.86 43.31
N ALA A 82 9.05 3.88 43.02
CA ALA A 82 9.42 2.78 42.13
C ALA A 82 9.47 3.19 40.66
N GLY A 83 8.95 4.38 40.35
CA GLY A 83 8.99 4.92 38.99
C GLY A 83 8.06 4.18 38.04
N LEU A 84 8.26 4.36 36.74
CA LEU A 84 7.45 3.70 35.71
C LEU A 84 7.95 2.28 35.46
N PRO A 85 7.03 1.30 35.42
CA PRO A 85 7.45 -0.06 35.11
C PRO A 85 7.98 -0.21 33.68
N GLU A 86 8.77 -1.25 33.45
CA GLU A 86 9.35 -1.55 32.16
C GLU A 86 8.28 -1.74 31.07
N THR A 87 7.14 -2.30 31.43
CA THR A 87 6.04 -2.51 30.47
C THR A 87 5.48 -1.19 29.95
N VAL A 88 5.47 -0.17 30.82
CA VAL A 88 4.99 1.15 30.43
C VAL A 88 5.99 1.84 29.50
N THR A 89 7.28 1.82 29.85
CA THR A 89 8.32 2.47 29.04
C THR A 89 8.47 1.79 27.68
N GLN A 90 8.28 0.47 27.63
CA GLN A 90 8.36 -0.27 26.38
C GLN A 90 7.21 0.11 25.44
N LYS A 91 6.02 0.25 26.01
CA LYS A 91 4.83 0.61 25.24
C LYS A 91 4.79 2.08 24.82
N PHE A 92 5.30 2.95 25.67
CA PHE A 92 5.29 4.41 25.45
C PHE A 92 6.69 4.99 25.68
N PRO A 93 7.65 4.68 24.77
CA PRO A 93 9.04 5.07 25.03
C PRO A 93 9.25 6.58 25.20
N PHE A 94 8.45 7.36 24.48
CA PHE A 94 8.58 8.83 24.47
C PHE A 94 8.25 9.51 25.81
N ILE A 95 7.66 8.78 26.76
CA ILE A 95 7.42 9.33 28.11
C ILE A 95 8.21 8.61 29.21
N SER A 96 9.28 7.89 28.82
CA SER A 96 10.05 7.09 29.77
C SER A 96 10.70 7.95 30.85
N SER A 97 10.91 9.23 30.54
CA SER A 97 11.53 10.16 31.50
C SER A 97 10.52 10.81 32.47
N TYR A 98 9.22 10.55 32.28
CA TYR A 98 8.16 11.21 33.05
C TYR A 98 8.07 10.70 34.49
N ARG A 99 7.76 11.62 35.41
CA ARG A 99 7.54 11.26 36.82
C ARG A 99 6.27 10.43 36.99
N ALA A 100 6.34 9.41 37.85
CA ALA A 100 5.21 8.52 38.13
C ALA A 100 4.47 8.91 39.41
N PHE A 101 3.13 8.88 39.34
CA PHE A 101 2.28 9.20 40.47
C PHE A 101 1.28 8.08 40.70
N ARG A 102 1.18 7.60 41.95
CA ARG A 102 0.29 6.48 42.28
C ARG A 102 -1.14 6.94 42.49
N VAL A 103 -2.08 6.25 41.84
CA VAL A 103 -3.50 6.41 42.09
C VAL A 103 -3.88 5.42 43.21
N PRO A 104 -4.49 5.92 44.29
CA PRO A 104 -4.91 5.02 45.37
C PRO A 104 -5.85 3.92 44.85
N SER A 105 -5.69 2.70 45.35
CA SER A 105 -6.48 1.56 44.85
C SER A 105 -7.96 1.63 45.25
N SER A 106 -8.32 2.56 46.13
CA SER A 106 -9.72 2.80 46.50
C SER A 106 -10.48 3.63 45.46
N VAL A 107 -9.77 4.19 44.50
CA VAL A 107 -10.38 4.95 43.41
C VAL A 107 -11.14 3.98 42.50
N ASP A 108 -12.37 4.37 42.13
CA ASP A 108 -13.14 3.62 41.14
C ASP A 108 -12.69 4.08 39.76
N VAL A 109 -11.67 3.41 39.22
CA VAL A 109 -11.06 3.83 37.95
C VAL A 109 -12.06 3.71 36.79
N ALA A 110 -12.81 2.62 36.77
CA ALA A 110 -13.83 2.38 35.74
C ALA A 110 -14.86 3.51 35.63
N SER A 111 -15.21 4.13 36.77
CA SER A 111 -16.11 5.28 36.78
C SER A 111 -15.43 6.55 36.30
N LEU A 112 -14.20 6.76 36.77
CA LEU A 112 -13.48 8.00 36.46
C LEU A 112 -13.13 8.14 34.98
N VAL A 113 -12.84 7.03 34.29
CA VAL A 113 -12.46 7.12 32.86
C VAL A 113 -13.63 7.58 31.97
N LYS A 114 -14.83 7.54 32.52
CA LYS A 114 -16.02 8.05 31.82
C LYS A 114 -16.25 9.54 32.04
N CYS A 115 -15.42 10.17 32.87
CA CYS A 115 -15.58 11.57 33.24
C CYS A 115 -14.65 12.50 32.48
N GLN A 116 -14.94 13.79 32.56
CA GLN A 116 -13.97 14.83 32.25
C GLN A 116 -12.91 14.81 33.37
N LEU A 117 -11.64 14.69 33.00
CA LEU A 117 -10.54 14.56 33.95
C LEU A 117 -9.47 15.61 33.76
N VAL A 118 -8.90 16.07 34.87
CA VAL A 118 -7.68 16.88 34.85
C VAL A 118 -6.80 16.52 36.04
N VAL A 119 -5.50 16.73 35.87
CA VAL A 119 -4.58 16.69 36.99
C VAL A 119 -4.02 18.10 37.16
N ALA A 120 -3.69 18.43 38.40
CA ALA A 120 -3.19 19.77 38.74
C ALA A 120 -1.94 19.64 39.59
N SER A 121 -0.96 20.51 39.35
CA SER A 121 0.27 20.56 40.12
C SER A 121 0.31 21.85 40.93
N PHE A 122 0.81 21.75 42.16
CA PHE A 122 0.87 22.88 43.09
C PHE A 122 2.26 22.96 43.71
N VAL A 129 0.22 27.33 39.42
CA VAL A 129 -0.65 26.17 39.31
C VAL A 129 -0.73 25.68 37.86
N ASP A 130 -0.23 24.47 37.60
CA ASP A 130 -0.32 23.86 36.29
C ASP A 130 -1.47 22.85 36.26
N VAL A 131 -2.32 22.96 35.25
CA VAL A 131 -3.44 22.03 35.05
CA VAL A 131 -3.44 22.02 35.05
C VAL A 131 -3.40 21.47 33.62
N THR A 132 -3.80 20.22 33.47
CA THR A 132 -3.81 19.59 32.15
C THR A 132 -4.71 18.36 32.10
N GLY A 133 -5.15 18.01 30.89
CA GLY A 133 -5.95 16.80 30.67
C GLY A 133 -5.10 15.54 30.75
N LEU A 134 -5.78 14.40 30.67
CA LEU A 134 -5.13 13.10 30.76
C LEU A 134 -5.36 12.32 29.49
N GLN A 135 -4.29 11.69 29.00
CA GLN A 135 -4.39 10.77 27.87
C GLN A 135 -4.58 9.35 28.40
N LEU A 136 -5.72 8.76 28.08
CA LEU A 136 -6.19 7.52 28.70
C LEU A 136 -5.83 6.15 28.08
N PRO A 137 -5.27 6.11 26.86
CA PRO A 137 -5.04 4.77 26.28
C PRO A 137 -4.33 3.74 27.15
N GLY A 138 -3.34 4.15 27.92
CA GLY A 138 -2.61 3.20 28.74
C GLY A 138 -3.50 2.50 29.76
N VAL A 139 -4.30 3.28 30.49
CA VAL A 139 -5.17 2.71 31.51
C VAL A 139 -6.34 1.96 30.88
N LEU A 140 -6.85 2.44 29.75
CA LEU A 140 -7.92 1.73 29.05
C LEU A 140 -7.50 0.33 28.60
N ASP A 141 -6.26 0.20 28.13
CA ASP A 141 -5.71 -1.12 27.80
C ASP A 141 -5.46 -1.96 29.07
N ASP A 142 -4.88 -1.33 30.09
CA ASP A 142 -4.52 -2.05 31.32
C ASP A 142 -5.75 -2.67 31.97
N MET A 143 -6.85 -1.94 31.95
CA MET A 143 -8.07 -2.36 32.63
C MET A 143 -9.06 -3.08 31.71
N PHE A 144 -9.15 -2.65 30.45
CA PHE A 144 -10.25 -3.06 29.57
C PHE A 144 -9.84 -3.68 28.23
N ALA A 145 -8.58 -4.09 28.10
CA ALA A 145 -8.17 -4.86 26.93
C ALA A 145 -9.13 -6.03 26.80
N TYR A 146 -9.65 -6.22 25.60
CA TYR A 146 -10.73 -7.16 25.37
C TYR A 146 -10.48 -7.97 24.10
N THR A 147 -10.53 -9.29 24.22
CA THR A 147 -10.27 -10.17 23.07
C THR A 147 -11.49 -10.99 22.71
N GLY A 148 -12.62 -10.70 23.35
CA GLY A 148 -13.87 -11.42 23.08
C GLY A 148 -14.52 -10.94 21.80
N PRO A 149 -15.69 -11.48 21.47
CA PRO A 149 -16.38 -11.10 20.24
C PRO A 149 -16.74 -9.61 20.20
N LEU A 150 -16.56 -9.00 19.04
CA LEU A 150 -17.01 -7.63 18.80
C LEU A 150 -17.83 -7.63 17.55
N GLY A 151 -18.71 -6.65 17.41
CA GLY A 151 -19.67 -6.65 16.30
C GLY A 151 -20.77 -7.65 16.57
N ALA A 152 -21.25 -8.32 15.51
CA ALA A 152 -22.34 -9.26 15.62
C ALA A 152 -21.85 -10.71 15.71
N VAL A 153 -22.44 -11.49 16.62
CA VAL A 153 -22.25 -12.95 16.65
C VAL A 153 -23.60 -13.64 16.49
N PHE A 154 -23.66 -14.57 15.54
CA PHE A 154 -24.87 -15.32 15.25
C PHE A 154 -24.78 -16.73 15.78
N SER A 155 -25.75 -17.12 16.61
CA SER A 155 -25.89 -18.49 17.05
CA SER A 155 -25.92 -18.48 17.08
C SER A 155 -27.22 -19.01 16.48
N GLU A 156 -27.57 -20.25 16.78
CA GLU A 156 -28.75 -20.85 16.15
C GLU A 156 -30.04 -20.07 16.47
N ASP A 157 -30.19 -19.62 17.71
CA ASP A 157 -31.41 -18.95 18.16
C ASP A 157 -31.22 -17.50 18.60
N SER A 158 -30.07 -16.90 18.31
CA SER A 158 -29.80 -15.54 18.77
C SER A 158 -28.76 -14.78 17.96
N VAL A 159 -28.78 -13.46 18.16
CA VAL A 159 -27.75 -12.56 17.65
CA VAL A 159 -27.71 -12.60 17.67
C VAL A 159 -27.30 -11.65 18.80
N SER A 160 -25.99 -11.54 19.01
CA SER A 160 -25.47 -10.62 20.03
C SER A 160 -24.69 -9.52 19.35
N LEU A 161 -24.67 -8.36 20.00
CA LEU A 161 -23.84 -7.24 19.58
C LEU A 161 -22.95 -6.89 20.74
N HIS A 162 -21.68 -6.62 20.45
CA HIS A 162 -20.70 -6.17 21.44
C HIS A 162 -19.92 -4.95 20.90
N LEU A 163 -19.83 -3.91 21.72
CA LEU A 163 -19.10 -2.69 21.37
C LEU A 163 -18.14 -2.36 22.50
N TRP A 164 -16.88 -2.16 22.15
CA TRP A 164 -15.88 -1.66 23.10
C TRP A 164 -15.99 -0.14 23.23
N ALA A 165 -16.45 0.33 24.39
CA ALA A 165 -16.61 1.77 24.63
C ALA A 165 -16.44 2.05 26.12
N PRO A 166 -15.22 1.86 26.63
CA PRO A 166 -15.01 1.92 28.07
C PRO A 166 -15.18 3.32 28.69
N THR A 167 -15.11 4.38 27.88
CA THR A 167 -15.31 5.72 28.40
C THR A 167 -16.75 6.21 28.24
N ALA A 168 -17.60 5.41 27.61
CA ALA A 168 -19.00 5.80 27.41
C ALA A 168 -19.82 5.72 28.69
N GLN A 169 -20.76 6.65 28.83
CA GLN A 169 -21.68 6.66 29.97
C GLN A 169 -22.91 5.82 29.67
N GLY A 170 -23.28 5.73 28.40
CA GLY A 170 -24.38 4.85 27.97
C GLY A 170 -24.29 4.48 26.52
N VAL A 171 -24.77 3.28 26.19
CA VAL A 171 -24.85 2.80 24.82
C VAL A 171 -26.19 2.11 24.58
N SER A 172 -26.86 2.54 23.52
CA SER A 172 -28.03 1.85 23.01
C SER A 172 -27.82 1.51 21.54
N VAL A 173 -28.63 0.59 21.04
CA VAL A 173 -28.66 0.29 19.62
C VAL A 173 -30.01 0.74 19.07
N CYS A 174 -29.94 1.45 17.95
CA CYS A 174 -31.13 1.89 17.21
CA CYS A 174 -31.13 1.88 17.23
C CYS A 174 -31.29 1.03 15.97
N PHE A 175 -32.39 0.31 15.89
CA PHE A 175 -32.67 -0.54 14.74
C PHE A 175 -33.54 0.19 13.73
N PHE A 176 -33.29 -0.11 12.46
CA PHE A 176 -34.07 0.39 11.35
C PHE A 176 -34.48 -0.83 10.53
N ASP A 177 -35.67 -0.78 9.96
CA ASP A 177 -36.06 -1.73 8.94
C ASP A 177 -35.77 -1.02 7.64
N GLY A 178 -34.74 -1.47 6.96
CA GLY A 178 -34.41 -0.96 5.65
C GLY A 178 -33.30 0.06 5.72
N PRO A 179 -32.60 0.25 4.59
CA PRO A 179 -31.48 1.17 4.54
C PRO A 179 -31.89 2.65 4.64
N ALA A 180 -33.11 2.98 4.26
CA ALA A 180 -33.57 4.37 4.22
C ALA A 180 -34.77 4.67 5.13
N GLY A 181 -35.36 3.64 5.72
CA GLY A 181 -36.54 3.81 6.56
C GLY A 181 -36.26 4.39 7.93
N PRO A 182 -37.34 4.74 8.65
CA PRO A 182 -37.24 5.36 9.96
C PRO A 182 -36.85 4.34 11.03
N ALA A 183 -36.44 4.84 12.20
CA ALA A 183 -36.07 3.97 13.31
C ALA A 183 -37.27 3.13 13.74
N LEU A 184 -37.04 1.85 13.99
CA LEU A 184 -38.13 0.96 14.42
C LEU A 184 -38.13 0.72 15.92
N GLU A 185 -36.95 0.67 16.53
CA GLU A 185 -36.82 0.26 17.92
C GLU A 185 -35.44 0.64 18.45
N THR A 186 -35.40 1.03 19.73
CA THR A 186 -34.14 1.27 20.43
C THR A 186 -34.04 0.30 21.61
N VAL A 187 -32.87 -0.29 21.79
CA VAL A 187 -32.62 -1.24 22.86
C VAL A 187 -31.35 -0.84 23.60
N GLN A 188 -31.42 -0.85 24.93
CA GLN A 188 -30.27 -0.49 25.75
C GLN A 188 -29.29 -1.67 25.83
N LEU A 189 -28.01 -1.36 25.77
CA LEU A 189 -26.96 -2.36 25.98
C LEU A 189 -26.49 -2.30 27.43
N LYS A 190 -25.91 -3.39 27.90
CA LYS A 190 -25.38 -3.46 29.26
C LYS A 190 -23.86 -3.53 29.24
N GLU A 191 -23.21 -2.86 30.18
CA GLU A 191 -21.76 -2.78 30.23
C GLU A 191 -21.16 -3.81 31.19
N SER A 192 -20.09 -4.45 30.74
CA SER A 192 -19.22 -5.22 31.61
C SER A 192 -17.78 -4.98 31.16
N ASN A 193 -16.96 -4.47 32.07
CA ASN A 193 -15.55 -4.20 31.79
C ASN A 193 -15.34 -3.43 30.49
N GLY A 194 -16.12 -2.37 30.31
CA GLY A 194 -15.93 -1.46 29.20
C GLY A 194 -16.55 -1.90 27.88
N VAL A 195 -17.19 -3.07 27.87
CA VAL A 195 -17.81 -3.62 26.68
C VAL A 195 -19.32 -3.62 26.86
N TRP A 196 -20.02 -3.05 25.89
CA TRP A 196 -21.47 -2.95 25.92
C TRP A 196 -22.04 -4.04 25.05
N SER A 197 -23.06 -4.73 25.55
CA SER A 197 -23.62 -5.85 24.83
C SER A 197 -25.11 -6.02 25.04
N VAL A 198 -25.71 -6.73 24.10
CA VAL A 198 -27.09 -7.14 24.17
C VAL A 198 -27.22 -8.39 23.31
N THR A 199 -28.11 -9.28 23.72
CA THR A 199 -28.46 -10.47 22.95
C THR A 199 -29.92 -10.39 22.56
N GLY A 200 -30.19 -10.58 21.28
CA GLY A 200 -31.54 -10.59 20.74
C GLY A 200 -31.85 -11.87 19.98
N PRO A 201 -33.09 -11.98 19.49
CA PRO A 201 -33.55 -13.14 18.74
C PRO A 201 -32.94 -13.20 17.34
N ARG A 202 -32.91 -14.39 16.75
CA ARG A 202 -32.34 -14.56 15.41
C ARG A 202 -33.01 -13.66 14.36
N GLU A 203 -34.27 -13.27 14.60
CA GLU A 203 -35.01 -12.38 13.70
C GLU A 203 -34.39 -10.98 13.53
N TRP A 204 -33.49 -10.59 14.44
CA TRP A 204 -32.72 -9.35 14.27
C TRP A 204 -31.85 -9.34 13.02
N GLU A 205 -31.50 -10.52 12.53
CA GLU A 205 -30.68 -10.66 11.33
C GLU A 205 -31.25 -9.82 10.19
N ASN A 206 -30.34 -9.10 9.53
CA ASN A 206 -30.65 -8.27 8.36
C ASN A 206 -31.38 -6.96 8.61
N ARG A 207 -31.59 -6.62 9.88
CA ARG A 207 -31.94 -5.26 10.24
C ARG A 207 -30.73 -4.36 9.98
N TYR A 208 -30.97 -3.07 9.86
CA TYR A 208 -29.90 -2.09 9.86
C TYR A 208 -29.87 -1.47 11.24
N TYR A 209 -28.72 -0.96 11.65
CA TYR A 209 -28.61 -0.37 12.96
C TYR A 209 -27.49 0.63 13.07
N LEU A 210 -27.56 1.42 14.13
CA LEU A 210 -26.50 2.32 14.58
C LEU A 210 -26.44 2.24 16.10
N TYR A 211 -25.30 2.63 16.67
CA TYR A 211 -25.16 2.77 18.11
C TYR A 211 -25.39 4.21 18.52
N GLU A 212 -26.17 4.39 19.59
CA GLU A 212 -26.30 5.68 20.27
C GLU A 212 -25.35 5.64 21.43
N VAL A 213 -24.27 6.43 21.35
CA VAL A 213 -23.21 6.40 22.35
C VAL A 213 -23.12 7.76 23.04
N ASP A 214 -23.42 7.76 24.35
CA ASP A 214 -23.23 8.94 25.20
C ASP A 214 -21.81 8.88 25.77
N VAL A 215 -20.97 9.83 25.36
CA VAL A 215 -19.56 9.80 25.74
C VAL A 215 -18.97 11.20 25.75
N TYR A 216 -18.05 11.44 26.68
CA TYR A 216 -17.32 12.69 26.76
C TYR A 216 -16.37 12.88 25.56
N HIS A 217 -16.54 14.00 24.86
CA HIS A 217 -15.67 14.38 23.76
C HIS A 217 -14.82 15.61 24.12
N PRO A 218 -13.51 15.41 24.34
CA PRO A 218 -12.61 16.50 24.70
C PRO A 218 -12.65 17.70 23.75
N THR A 219 -12.82 17.44 22.45
CA THR A 219 -12.85 18.52 21.46
C THR A 219 -14.05 19.45 21.64
N LYS A 220 -15.12 18.96 22.28
CA LYS A 220 -16.29 19.77 22.57
C LYS A 220 -16.51 20.02 24.07
N ALA A 221 -15.67 19.43 24.92
CA ALA A 221 -15.81 19.54 26.38
C ALA A 221 -17.24 19.27 26.87
N GLN A 222 -17.91 18.32 26.23
CA GLN A 222 -19.28 17.95 26.57
C GLN A 222 -19.43 16.44 26.47
N VAL A 223 -20.38 15.88 27.22
CA VAL A 223 -20.87 14.54 27.00
C VAL A 223 -21.89 14.65 25.88
N LEU A 224 -21.62 13.98 24.76
CA LEU A 224 -22.48 14.08 23.58
C LEU A 224 -23.11 12.74 23.28
N LYS A 225 -24.33 12.77 22.74
CA LYS A 225 -24.99 11.59 22.19
C LYS A 225 -24.54 11.48 20.74
N CYS A 226 -23.77 10.44 20.44
CA CYS A 226 -23.24 10.24 19.10
C CYS A 226 -23.91 9.04 18.45
N LEU A 227 -24.21 9.16 17.16
CA LEU A 227 -24.79 8.04 16.40
C LEU A 227 -23.69 7.43 15.56
N ALA A 228 -23.28 6.21 15.92
CA ALA A 228 -22.06 5.61 15.38
C ALA A 228 -22.32 4.27 14.69
N GLY A 229 -21.59 4.03 13.60
CA GLY A 229 -21.56 2.71 12.98
C GLY A 229 -20.75 1.73 13.81
N ASP A 230 -20.78 0.47 13.42
CA ASP A 230 -20.05 -0.58 14.13
C ASP A 230 -18.64 -0.67 13.56
N PRO A 231 -17.61 -0.45 14.40
CA PRO A 231 -16.25 -0.66 13.92
C PRO A 231 -16.04 -2.04 13.28
N TYR A 232 -16.81 -3.03 13.74
CA TYR A 232 -16.75 -4.39 13.19
C TYR A 232 -17.83 -4.69 12.14
N ALA A 233 -18.34 -3.64 11.50
CA ALA A 233 -19.29 -3.80 10.41
C ALA A 233 -18.76 -4.72 9.30
N ARG A 234 -19.65 -5.53 8.76
CA ARG A 234 -19.33 -6.36 7.59
C ARG A 234 -20.18 -5.98 6.37
N SER A 235 -21.27 -5.25 6.58
CA SER A 235 -21.87 -4.46 5.50
C SER A 235 -22.57 -3.22 6.02
N LEU A 236 -23.01 -2.39 5.07
CA LEU A 236 -23.53 -1.08 5.35
C LEU A 236 -24.65 -0.71 4.38
N SER A 237 -25.42 0.31 4.75
CA SER A 237 -26.23 1.02 3.77
C SER A 237 -25.34 2.02 3.04
N ALA A 238 -25.90 2.69 2.04
CA ALA A 238 -25.15 3.64 1.24
C ALA A 238 -24.41 4.64 2.13
N ASN A 239 -23.12 4.79 1.84
CA ASN A 239 -22.24 5.74 2.55
C ASN A 239 -22.02 5.44 4.02
N GLY A 240 -22.30 4.22 4.45
CA GLY A 240 -22.08 3.83 5.84
C GLY A 240 -22.98 4.56 6.83
N ALA A 241 -24.13 5.01 6.33
CA ALA A 241 -25.09 5.74 7.16
C ALA A 241 -25.64 4.82 8.24
N ARG A 242 -25.80 3.54 7.92
CA ARG A 242 -26.20 2.52 8.88
C ARG A 242 -25.40 1.26 8.63
N THR A 243 -25.33 0.42 9.66
CA THR A 243 -24.68 -0.87 9.58
C THR A 243 -25.73 -1.94 9.28
N TRP A 244 -25.42 -2.84 8.36
CA TRP A 244 -26.33 -3.94 8.04
C TRP A 244 -25.97 -5.14 8.92
N LEU A 245 -26.95 -5.65 9.67
CA LEU A 245 -26.71 -6.74 10.62
C LEU A 245 -26.72 -8.09 9.90
N VAL A 246 -25.67 -8.30 9.12
CA VAL A 246 -25.56 -9.41 8.19
C VAL A 246 -24.68 -10.50 8.77
N ASP A 247 -25.05 -11.75 8.52
CA ASP A 247 -24.19 -12.89 8.84
C ASP A 247 -23.27 -13.09 7.65
N ILE A 248 -22.00 -12.71 7.80
CA ILE A 248 -21.03 -12.79 6.70
C ILE A 248 -20.87 -14.22 6.16
N ASN A 249 -21.20 -15.22 6.97
CA ASN A 249 -21.14 -16.62 6.55
C ASN A 249 -22.39 -17.11 5.82
N ASN A 250 -23.40 -16.25 5.68
CA ASN A 250 -24.64 -16.65 5.03
C ASN A 250 -24.39 -17.17 3.61
N GLU A 251 -24.97 -18.33 3.32
CA GLU A 251 -24.68 -19.05 2.09
C GLU A 251 -25.17 -18.30 0.84
N THR A 252 -26.21 -17.47 0.97
CA THR A 252 -26.69 -16.67 -0.16
C THR A 252 -25.77 -15.49 -0.54
N LEU A 253 -24.81 -15.17 0.32
CA LEU A 253 -23.80 -14.14 0.01
C LEU A 253 -22.57 -14.72 -0.69
N LYS A 254 -22.55 -16.03 -0.92
CA LYS A 254 -21.42 -16.70 -1.56
C LYS A 254 -21.73 -16.96 -3.03
N PRO A 255 -20.82 -16.55 -3.94
CA PRO A 255 -21.04 -16.88 -5.35
C PRO A 255 -21.00 -18.39 -5.59
N ALA A 256 -21.48 -18.81 -6.76
CA ALA A 256 -21.44 -20.22 -7.12
C ALA A 256 -20.00 -20.74 -7.01
N SER A 257 -19.85 -21.88 -6.35
CA SER A 257 -18.56 -22.57 -6.19
C SER A 257 -17.56 -21.80 -5.33
N TRP A 258 -18.04 -20.87 -4.52
CA TRP A 258 -17.16 -20.06 -3.67
C TRP A 258 -16.33 -20.93 -2.73
N ASP A 259 -16.96 -21.94 -2.16
CA ASP A 259 -16.30 -22.80 -1.17
C ASP A 259 -15.20 -23.69 -1.78
N GLU A 260 -15.21 -23.84 -3.11
CA GLU A 260 -14.14 -24.58 -3.82
C GLU A 260 -13.04 -23.67 -4.37
N LEU A 261 -13.05 -22.38 -4.04
CA LEU A 261 -12.06 -21.46 -4.59
C LEU A 261 -10.63 -21.89 -4.30
N ALA A 262 -10.38 -22.42 -3.10
CA ALA A 262 -9.04 -22.90 -2.74
C ALA A 262 -8.50 -23.88 -3.79
N ASP A 263 -9.36 -24.75 -4.30
CA ASP A 263 -8.96 -25.73 -5.32
C ASP A 263 -8.65 -25.07 -6.67
N GLU A 264 -9.22 -23.89 -6.91
CA GLU A 264 -9.08 -23.16 -8.17
C GLU A 264 -8.05 -22.03 -8.09
N LYS A 265 -7.42 -21.84 -6.93
CA LYS A 265 -6.42 -20.77 -6.77
C LYS A 265 -5.22 -21.03 -7.70
N PRO A 266 -4.64 -19.96 -8.29
CA PRO A 266 -3.42 -20.14 -9.09
C PRO A 266 -2.27 -20.70 -8.27
N LYS A 267 -1.47 -21.58 -8.87
CA LYS A 267 -0.31 -22.16 -8.19
C LYS A 267 0.66 -21.06 -7.77
N LEU A 268 1.17 -21.15 -6.55
CA LEU A 268 2.27 -20.29 -6.10
C LEU A 268 3.24 -21.15 -5.32
N ASP A 269 4.36 -21.49 -5.96
CA ASP A 269 5.33 -22.42 -5.38
C ASP A 269 6.16 -21.74 -4.30
N SER A 270 6.45 -20.47 -4.50
CA SER A 270 7.34 -19.70 -3.63
C SER A 270 6.99 -18.22 -3.71
N PHE A 271 7.23 -17.47 -2.64
CA PHE A 271 7.04 -16.02 -2.67
C PHE A 271 8.00 -15.35 -3.67
N SER A 272 9.14 -16.00 -3.93
CA SER A 272 10.08 -15.48 -4.91
C SER A 272 9.53 -15.54 -6.34
N ASP A 273 8.42 -16.24 -6.56
CA ASP A 273 7.76 -16.28 -7.88
C ASP A 273 6.74 -15.14 -8.13
N ILE A 274 6.61 -14.23 -7.18
CA ILE A 274 5.60 -13.18 -7.25
C ILE A 274 6.00 -12.03 -8.19
N THR A 275 5.06 -11.60 -9.03
CA THR A 275 5.11 -10.31 -9.70
C THR A 275 3.78 -9.60 -9.43
N ILE A 276 3.85 -8.28 -9.29
CA ILE A 276 2.69 -7.49 -8.84
C ILE A 276 2.35 -6.40 -9.85
N TYR A 277 1.06 -6.25 -10.12
CA TYR A 277 0.51 -5.26 -11.05
C TYR A 277 -0.48 -4.42 -10.25
N GLU A 278 -0.21 -3.12 -10.13
CA GLU A 278 -0.99 -2.25 -9.24
C GLU A 278 -2.06 -1.50 -10.01
N LEU A 279 -3.32 -1.71 -9.65
CA LEU A 279 -4.47 -1.29 -10.46
C LEU A 279 -5.60 -0.69 -9.61
N HIS A 280 -6.18 0.40 -10.10
CA HIS A 280 -7.31 1.04 -9.42
C HIS A 280 -8.57 0.48 -10.07
N ILE A 281 -9.53 0.10 -9.24
CA ILE A 281 -10.76 -0.54 -9.69
C ILE A 281 -11.53 0.31 -10.69
N ARG A 282 -11.67 1.60 -10.41
CA ARG A 282 -12.38 2.46 -11.35
C ARG A 282 -11.59 2.68 -12.64
N ASP A 283 -10.29 2.96 -12.52
CA ASP A 283 -9.43 3.12 -13.71
C ASP A 283 -9.60 1.96 -14.66
N PHE A 284 -9.68 0.75 -14.11
CA PHE A 284 -9.71 -0.47 -14.91
C PHE A 284 -10.80 -0.47 -15.99
N SER A 285 -11.99 0.00 -15.65
CA SER A 285 -13.13 -0.12 -16.56
C SER A 285 -13.92 1.17 -16.84
N ALA A 286 -13.53 2.28 -16.22
CA ALA A 286 -14.25 3.54 -16.42
C ALA A 286 -14.40 3.91 -17.91
N HIS A 287 -13.37 3.65 -18.70
CA HIS A 287 -13.36 3.98 -20.13
C HIS A 287 -13.50 2.76 -21.04
N ASP A 288 -13.91 1.62 -20.52
CA ASP A 288 -13.93 0.39 -21.32
C ASP A 288 -15.30 0.18 -21.96
N GLY A 289 -15.41 0.56 -23.23
CA GLY A 289 -16.67 0.46 -23.98
C GLY A 289 -17.19 -0.95 -24.20
N THR A 290 -16.35 -1.96 -23.95
CA THR A 290 -16.75 -3.37 -24.07
C THR A 290 -17.42 -3.89 -22.79
N VAL A 291 -17.49 -3.06 -21.77
CA VAL A 291 -18.23 -3.36 -20.55
C VAL A 291 -19.51 -2.54 -20.58
N ASP A 292 -20.64 -3.15 -20.20
CA ASP A 292 -21.91 -2.42 -20.21
C ASP A 292 -21.80 -1.19 -19.30
N SER A 293 -22.42 -0.09 -19.73
CA SER A 293 -22.31 1.21 -19.04
C SER A 293 -22.56 1.09 -17.54
N ASP A 294 -23.58 0.32 -17.16
CA ASP A 294 -23.98 0.16 -15.78
C ASP A 294 -23.00 -0.59 -14.88
N SER A 295 -22.07 -1.35 -15.47
CA SER A 295 -21.06 -2.09 -14.70
C SER A 295 -19.65 -1.49 -14.80
N ARG A 296 -19.49 -0.39 -15.52
CA ARG A 296 -18.16 0.22 -15.62
C ARG A 296 -17.80 0.86 -14.30
N GLY A 297 -16.54 0.70 -13.88
CA GLY A 297 -16.01 1.40 -12.72
C GLY A 297 -15.96 0.63 -11.42
N GLY A 298 -16.54 -0.57 -11.39
CA GLY A 298 -16.67 -1.33 -10.15
C GLY A 298 -16.27 -2.79 -10.18
N PHE A 299 -16.68 -3.52 -9.15
CA PHE A 299 -16.34 -4.92 -8.96
C PHE A 299 -16.86 -5.78 -10.12
N ARG A 300 -18.04 -5.46 -10.61
CA ARG A 300 -18.70 -6.27 -11.65
C ARG A 300 -17.95 -6.32 -12.98
N ALA A 301 -17.19 -5.28 -13.28
CA ALA A 301 -16.40 -5.23 -14.51
C ALA A 301 -15.42 -6.41 -14.63
N PHE A 302 -14.99 -6.96 -13.50
CA PHE A 302 -14.11 -8.12 -13.51
C PHE A 302 -14.82 -9.41 -13.92
N ALA A 303 -16.14 -9.41 -13.90
CA ALA A 303 -16.94 -10.57 -14.33
C ALA A 303 -17.19 -10.61 -15.84
N TYR A 304 -16.72 -9.60 -16.56
CA TYR A 304 -16.81 -9.57 -18.02
C TYR A 304 -15.57 -10.23 -18.61
N GLN A 305 -15.61 -11.56 -18.69
CA GLN A 305 -14.47 -12.38 -19.07
C GLN A 305 -13.77 -12.04 -20.39
N ALA A 306 -14.52 -11.49 -21.34
CA ALA A 306 -14.00 -11.18 -22.68
C ALA A 306 -13.94 -9.68 -22.99
N SER A 307 -13.96 -8.84 -21.97
CA SER A 307 -13.82 -7.40 -22.16
C SER A 307 -12.38 -7.08 -22.53
N ALA A 308 -12.16 -5.89 -23.09
CA ALA A 308 -10.80 -5.45 -23.45
C ALA A 308 -9.90 -5.45 -22.22
N GLY A 309 -10.43 -4.97 -21.10
CA GLY A 309 -9.68 -4.92 -19.85
C GLY A 309 -9.31 -6.30 -19.34
N MET A 310 -10.27 -7.22 -19.35
CA MET A 310 -10.00 -8.58 -18.87
C MET A 310 -9.07 -9.34 -19.83
N GLU A 311 -9.21 -9.10 -21.14
CA GLU A 311 -8.28 -9.69 -22.10
C GLU A 311 -6.86 -9.18 -21.86
N HIS A 312 -6.75 -7.91 -21.50
CA HIS A 312 -5.46 -7.32 -21.16
C HIS A 312 -4.84 -8.03 -19.95
N LEU A 313 -5.61 -8.18 -18.88
CA LEU A 313 -5.11 -8.91 -17.70
C LEU A 313 -4.79 -10.38 -17.98
N ARG A 314 -5.60 -11.03 -18.83
CA ARG A 314 -5.32 -12.42 -19.20
C ARG A 314 -3.99 -12.52 -19.94
N LYS A 315 -3.71 -11.55 -20.81
CA LYS A 315 -2.46 -11.52 -21.55
C LYS A 315 -1.27 -11.42 -20.58
N LEU A 316 -1.36 -10.53 -19.61
CA LEU A 316 -0.30 -10.38 -18.62
C LEU A 316 -0.18 -11.61 -17.74
N SER A 317 -1.32 -12.12 -17.26
CA SER A 317 -1.36 -13.32 -16.42
C SER A 317 -0.75 -14.54 -17.12
N ASP A 318 -1.09 -14.72 -18.38
CA ASP A 318 -0.59 -15.86 -19.15
C ASP A 318 0.92 -15.76 -19.37
N ALA A 319 1.43 -14.53 -19.46
CA ALA A 319 2.87 -14.28 -19.59
C ALA A 319 3.63 -14.59 -18.30
N GLY A 320 2.90 -14.62 -17.18
CA GLY A 320 3.47 -15.02 -15.89
C GLY A 320 3.13 -14.10 -14.71
N LEU A 321 2.51 -12.96 -14.96
CA LEU A 321 2.05 -12.11 -13.88
C LEU A 321 1.26 -12.93 -12.85
N THR A 322 1.60 -12.79 -11.58
CA THR A 322 0.95 -13.59 -10.53
C THR A 322 -0.09 -12.85 -9.68
N HIS A 323 0.15 -11.56 -9.38
CA HIS A 323 -0.69 -10.84 -8.43
C HIS A 323 -1.14 -9.50 -8.96
N VAL A 324 -2.40 -9.19 -8.72
CA VAL A 324 -2.94 -7.85 -8.96
CA VAL A 324 -2.97 -7.86 -8.95
C VAL A 324 -3.22 -7.19 -7.60
N HIS A 325 -2.62 -6.02 -7.41
CA HIS A 325 -2.77 -5.22 -6.21
C HIS A 325 -3.83 -4.19 -6.55
N LEU A 326 -4.96 -4.24 -5.84
CA LEU A 326 -6.07 -3.31 -6.06
C LEU A 326 -5.95 -2.16 -5.06
N LEU A 327 -6.09 -0.92 -5.56
CA LEU A 327 -6.13 0.24 -4.68
C LEU A 327 -7.34 0.14 -3.73
N PRO A 328 -7.36 0.96 -2.67
CA PRO A 328 -8.33 0.76 -1.60
C PRO A 328 -9.75 0.40 -2.03
N SER A 329 -10.26 -0.71 -1.49
CA SER A 329 -11.56 -1.23 -1.91
C SER A 329 -12.49 -1.50 -0.72
N PHE A 330 -12.10 -1.02 0.46
CA PHE A 330 -12.94 -1.00 1.66
C PHE A 330 -13.71 0.32 1.70
N HIS A 331 -14.51 0.52 2.76
CA HIS A 331 -15.33 1.73 2.90
C HIS A 331 -14.48 2.96 3.23
N PHE A 332 -14.24 3.78 2.21
CA PHE A 332 -13.52 5.04 2.33
C PHE A 332 -14.43 6.21 2.00
N ALA A 333 -14.06 7.38 2.50
CA ALA A 333 -14.80 8.61 2.24
C ALA A 333 -14.28 9.30 0.97
N GLY A 334 -15.12 10.17 0.40
CA GLY A 334 -14.70 10.97 -0.74
C GLY A 334 -15.38 10.62 -2.05
N VAL A 335 -16.09 9.50 -2.09
CA VAL A 335 -16.93 9.14 -3.22
C VAL A 335 -18.28 8.67 -2.69
N ASP A 336 -19.36 9.26 -3.21
CA ASP A 336 -20.71 8.88 -2.83
C ASP A 336 -20.98 7.45 -3.34
N ASP A 337 -21.53 6.59 -2.49
CA ASP A 337 -21.90 5.23 -2.89
C ASP A 337 -23.09 5.23 -3.85
N ILE A 338 -23.86 6.30 -3.82
CA ILE A 338 -25.06 6.44 -4.65
C ILE A 338 -24.67 7.02 -6.01
N LYS A 339 -24.62 6.18 -7.03
CA LYS A 339 -24.10 6.56 -8.34
C LYS A 339 -24.87 7.70 -9.00
N SER A 340 -26.18 7.74 -8.78
CA SER A 340 -27.01 8.81 -9.35
C SER A 340 -26.70 10.20 -8.76
N ASN A 341 -25.95 10.26 -7.66
CA ASN A 341 -25.46 11.53 -7.13
C ASN A 341 -24.17 12.03 -7.77
N TRP A 342 -23.50 11.19 -8.55
CA TRP A 342 -22.23 11.56 -9.17
C TRP A 342 -22.39 12.68 -10.21
N LYS A 343 -21.44 13.61 -10.20
CA LYS A 343 -21.30 14.60 -11.26
C LYS A 343 -20.07 14.22 -12.11
N PHE A 344 -20.20 14.24 -13.44
CA PHE A 344 -19.06 14.06 -14.34
C PHE A 344 -19.03 15.20 -15.33
N VAL A 345 -17.85 15.74 -15.62
CA VAL A 345 -17.71 16.63 -16.78
C VAL A 345 -17.84 15.80 -18.05
N ASP A 346 -18.27 16.43 -19.13
CA ASP A 346 -18.37 15.76 -20.42
C ASP A 346 -16.98 15.61 -21.01
N GLU A 347 -16.53 14.38 -21.23
CA GLU A 347 -15.20 14.15 -21.82
C GLU A 347 -15.07 14.72 -23.23
N CYS A 348 -16.18 14.72 -23.98
CA CYS A 348 -16.16 15.30 -25.32
C CYS A 348 -15.89 16.81 -25.28
N GLU A 349 -16.44 17.49 -24.28
CA GLU A 349 -16.14 18.91 -24.07
C GLU A 349 -14.66 19.10 -23.74
N LEU A 350 -14.17 18.34 -22.77
CA LEU A 350 -12.76 18.45 -22.35
C LEU A 350 -11.77 18.17 -23.48
N ALA A 351 -12.13 17.25 -24.37
CA ALA A 351 -11.27 16.92 -25.52
C ALA A 351 -11.10 18.05 -26.53
N THR A 352 -11.97 19.07 -26.47
CA THR A 352 -11.85 20.23 -27.37
C THR A 352 -10.82 21.24 -26.89
N PHE A 353 -10.39 21.13 -25.63
CA PHE A 353 -9.48 22.11 -25.06
C PHE A 353 -8.02 21.81 -25.48
N PRO A 354 -7.18 22.86 -25.58
CA PRO A 354 -5.79 22.67 -26.01
C PRO A 354 -4.98 21.76 -25.08
N PRO A 355 -4.00 21.02 -25.64
CA PRO A 355 -3.26 20.01 -24.87
C PRO A 355 -2.45 20.55 -23.68
N GLY A 356 -2.04 21.81 -23.76
CA GLY A 356 -1.31 22.47 -22.66
C GLY A 356 -2.12 23.51 -21.92
N SER A 357 -3.44 23.49 -22.11
CA SER A 357 -4.35 24.45 -21.46
C SER A 357 -4.56 24.12 -19.97
N ASP A 358 -4.90 25.13 -19.18
CA ASP A 358 -5.32 24.91 -17.80
C ASP A 358 -6.84 24.70 -17.65
N MET A 359 -7.57 24.61 -18.76
CA MET A 359 -9.04 24.56 -18.71
C MET A 359 -9.59 23.19 -18.29
N GLN A 360 -8.92 22.12 -18.71
CA GLN A 360 -9.35 20.77 -18.36
C GLN A 360 -9.34 20.58 -16.84
N GLN A 361 -8.23 20.95 -16.21
CA GLN A 361 -8.10 20.77 -14.77
C GLN A 361 -9.06 21.68 -14.02
N ALA A 362 -9.31 22.88 -14.54
CA ALA A 362 -10.26 23.78 -13.90
C ALA A 362 -11.64 23.13 -13.83
N ALA A 363 -12.06 22.53 -14.94
CA ALA A 363 -13.37 21.87 -15.03
C ALA A 363 -13.45 20.67 -14.10
N VAL A 364 -12.42 19.82 -14.14
CA VAL A 364 -12.35 18.63 -13.27
C VAL A 364 -12.37 19.02 -11.79
N VAL A 365 -11.52 19.97 -11.43
CA VAL A 365 -11.39 20.42 -10.03
C VAL A 365 -12.71 21.02 -9.49
N ALA A 366 -13.47 21.68 -10.36
CA ALA A 366 -14.72 22.32 -9.93
C ALA A 366 -15.71 21.34 -9.29
N ILE A 367 -15.70 20.09 -9.75
CA ILE A 367 -16.63 19.08 -9.23
C ILE A 367 -15.91 17.84 -8.69
N GLN A 368 -14.62 17.96 -8.37
CA GLN A 368 -13.86 16.78 -7.95
C GLN A 368 -14.33 16.18 -6.63
N GLU A 369 -15.04 16.96 -5.81
CA GLU A 369 -15.59 16.45 -4.55
C GLU A 369 -16.91 15.73 -4.71
N GLU A 370 -17.50 15.79 -5.90
CA GLU A 370 -18.80 15.18 -6.17
C GLU A 370 -18.78 14.21 -7.35
N ASP A 371 -17.59 13.85 -7.82
CA ASP A 371 -17.46 12.97 -8.99
C ASP A 371 -17.30 11.52 -8.52
N PRO A 372 -17.17 10.58 -9.47
CA PRO A 372 -17.06 9.18 -9.04
C PRO A 372 -15.70 8.75 -8.53
N TYR A 373 -14.74 9.67 -8.42
CA TYR A 373 -13.32 9.30 -8.39
C TYR A 373 -12.57 9.64 -7.12
N ASN A 374 -11.90 8.63 -6.56
CA ASN A 374 -10.83 8.87 -5.59
C ASN A 374 -9.99 7.61 -5.48
N TRP A 375 -8.70 7.76 -5.22
CA TRP A 375 -7.88 6.57 -4.95
C TRP A 375 -8.42 5.79 -3.74
N GLY A 376 -8.91 6.52 -2.74
CA GLY A 376 -9.59 5.92 -1.59
C GLY A 376 -8.78 5.75 -0.33
N TYR A 377 -7.69 6.51 -0.19
CA TYR A 377 -6.87 6.48 1.02
C TYR A 377 -7.47 7.33 2.16
N ASN A 378 -8.78 7.17 2.38
CA ASN A 378 -9.56 7.93 3.36
C ASN A 378 -10.42 6.99 4.21
N PRO A 379 -9.79 6.21 5.10
CA PRO A 379 -10.52 5.12 5.72
C PRO A 379 -11.61 5.53 6.69
N VAL A 380 -12.76 4.87 6.59
CA VAL A 380 -13.85 5.01 7.53
C VAL A 380 -14.08 3.67 8.25
N LEU A 381 -14.41 2.63 7.47
CA LEU A 381 -14.56 1.29 8.02
C LEU A 381 -13.78 0.30 7.16
N TRP A 382 -12.85 -0.39 7.81
CA TRP A 382 -11.90 -1.23 7.10
C TRP A 382 -12.49 -2.53 6.58
N GLY A 383 -13.53 -3.04 7.25
CA GLY A 383 -14.00 -4.41 6.99
C GLY A 383 -15.13 -4.59 6.01
N VAL A 384 -15.50 -3.50 5.32
CA VAL A 384 -16.63 -3.53 4.39
C VAL A 384 -16.16 -3.08 3.00
N PRO A 385 -16.58 -3.81 1.94
CA PRO A 385 -16.29 -3.36 0.58
C PRO A 385 -16.90 -1.99 0.25
N LYS A 386 -16.20 -1.20 -0.55
CA LYS A 386 -16.67 0.13 -0.96
C LYS A 386 -17.98 0.05 -1.76
N GLY A 387 -18.99 0.78 -1.31
CA GLY A 387 -20.33 0.74 -1.91
C GLY A 387 -20.39 1.31 -3.31
N SER A 388 -19.59 2.34 -3.58
CA SER A 388 -19.56 2.96 -4.91
C SER A 388 -19.11 2.00 -6.01
N TYR A 389 -18.40 0.92 -5.64
CA TYR A 389 -17.94 -0.08 -6.60
C TYR A 389 -18.92 -1.26 -6.76
N ALA A 390 -19.98 -1.26 -5.97
CA ALA A 390 -21.04 -2.28 -6.06
C ALA A 390 -22.19 -1.80 -6.95
N SER A 391 -22.99 -2.74 -7.43
CA SER A 391 -24.13 -2.39 -8.29
C SER A 391 -25.26 -1.72 -7.49
N ASP A 392 -25.39 -2.09 -6.21
CA ASP A 392 -26.38 -1.50 -5.30
C ASP A 392 -25.73 -1.31 -3.93
N PRO A 393 -25.64 -0.06 -3.45
CA PRO A 393 -24.90 0.22 -2.23
C PRO A 393 -25.57 -0.20 -0.92
N ASP A 394 -26.80 -0.70 -0.98
CA ASP A 394 -27.49 -1.14 0.24
C ASP A 394 -27.43 -2.65 0.39
N GLY A 395 -26.70 -3.12 1.39
CA GLY A 395 -26.75 -4.51 1.81
C GLY A 395 -25.83 -5.49 1.08
N PRO A 396 -26.40 -6.50 0.39
CA PRO A 396 -25.61 -7.68 -0.01
C PRO A 396 -24.74 -7.58 -1.26
N SER A 397 -25.12 -6.78 -2.25
CA SER A 397 -24.41 -6.79 -3.54
C SER A 397 -22.92 -6.51 -3.38
N ARG A 398 -22.55 -5.61 -2.48
CA ARG A 398 -21.14 -5.28 -2.27
C ARG A 398 -20.33 -6.49 -1.76
N ILE A 399 -20.97 -7.37 -0.99
CA ILE A 399 -20.30 -8.59 -0.52
C ILE A 399 -20.16 -9.61 -1.64
N ILE A 400 -21.29 -9.92 -2.29
CA ILE A 400 -21.30 -10.91 -3.36
C ILE A 400 -20.36 -10.47 -4.49
N GLU A 401 -20.45 -9.21 -4.89
CA GLU A 401 -19.69 -8.75 -6.05
C GLU A 401 -18.19 -8.68 -5.78
N TYR A 402 -17.81 -8.36 -4.54
CA TYR A 402 -16.40 -8.39 -4.16
C TYR A 402 -15.86 -9.82 -4.31
N ARG A 403 -16.62 -10.78 -3.78
CA ARG A 403 -16.26 -12.19 -3.88
C ARG A 403 -16.18 -12.66 -5.33
N GLN A 404 -17.13 -12.22 -6.15
CA GLN A 404 -17.10 -12.54 -7.58
C GLN A 404 -15.86 -11.99 -8.27
N MET A 405 -15.39 -10.81 -7.84
CA MET A 405 -14.18 -10.21 -8.40
C MET A 405 -12.94 -11.06 -8.07
N VAL A 406 -12.81 -11.44 -6.81
CA VAL A 406 -11.70 -12.27 -6.37
C VAL A 406 -11.69 -13.58 -7.14
N GLN A 407 -12.86 -14.21 -7.20
CA GLN A 407 -13.04 -15.45 -7.96
C GLN A 407 -12.64 -15.29 -9.42
N ALA A 408 -13.13 -14.22 -10.05
CA ALA A 408 -12.84 -13.96 -11.47
C ALA A 408 -11.36 -13.81 -11.75
N LEU A 409 -10.67 -13.03 -10.93
CA LEU A 409 -9.24 -12.83 -11.08
C LEU A 409 -8.46 -14.14 -10.84
N ASN A 410 -8.80 -14.85 -9.77
CA ASN A 410 -8.17 -16.15 -9.49
C ASN A 410 -8.30 -17.10 -10.70
N ARG A 411 -9.48 -17.13 -11.30
CA ARG A 411 -9.75 -18.03 -12.44
C ARG A 411 -9.06 -17.64 -13.76
N ILE A 412 -8.60 -16.40 -13.89
CA ILE A 412 -7.69 -16.06 -15.00
C ILE A 412 -6.21 -16.06 -14.59
N GLY A 413 -5.90 -16.64 -13.43
CA GLY A 413 -4.52 -16.92 -13.03
C GLY A 413 -3.84 -15.83 -12.23
N LEU A 414 -4.65 -14.98 -11.60
CA LEU A 414 -4.17 -13.86 -10.81
C LEU A 414 -4.68 -13.94 -9.38
N ARG A 415 -3.73 -13.90 -8.45
CA ARG A 415 -4.03 -13.71 -7.04
C ARG A 415 -4.27 -12.23 -6.75
N VAL A 416 -5.04 -11.97 -5.70
CA VAL A 416 -5.52 -10.63 -5.41
C VAL A 416 -4.88 -10.08 -4.13
N VAL A 417 -4.27 -8.91 -4.27
CA VAL A 417 -3.70 -8.19 -3.14
C VAL A 417 -4.55 -6.96 -2.84
N MET A 418 -4.86 -6.77 -1.56
CA MET A 418 -5.58 -5.59 -1.10
C MET A 418 -4.63 -4.53 -0.56
N ASP A 419 -4.85 -3.30 -1.00
CA ASP A 419 -4.19 -2.14 -0.42
C ASP A 419 -4.93 -1.79 0.87
N VAL A 420 -4.27 -2.00 2.00
CA VAL A 420 -4.86 -1.78 3.30
C VAL A 420 -4.23 -0.54 3.94
N VAL A 421 -5.09 0.28 4.57
CA VAL A 421 -4.72 1.61 5.02
C VAL A 421 -5.08 1.74 6.50
N TYR A 422 -4.21 1.18 7.33
CA TYR A 422 -4.45 1.10 8.78
C TYR A 422 -3.79 2.24 9.54
N ASN A 423 -3.09 3.11 8.83
CA ASN A 423 -2.25 4.15 9.42
C ASN A 423 -2.96 5.45 9.74
N HIS A 424 -4.17 5.65 9.22
CA HIS A 424 -4.91 6.87 9.52
C HIS A 424 -6.40 6.73 9.22
N LEU A 425 -7.16 7.72 9.68
CA LEU A 425 -8.60 7.75 9.51
C LEU A 425 -9.00 8.99 8.72
N ASP A 426 -10.06 8.89 7.93
CA ASP A 426 -10.56 10.06 7.22
C ASP A 426 -10.96 11.19 8.16
N SER A 427 -11.65 10.84 9.23
CA SER A 427 -12.26 11.81 10.13
C SER A 427 -12.09 11.41 11.60
N SER A 428 -12.16 12.40 12.47
CA SER A 428 -12.19 12.18 13.91
C SER A 428 -13.32 13.01 14.49
N GLY A 429 -13.51 12.93 15.81
CA GLY A 429 -14.54 13.71 16.48
C GLY A 429 -15.93 13.11 16.44
N PRO A 430 -16.90 13.79 17.10
CA PRO A 430 -18.24 13.25 17.36
C PRO A 430 -19.27 13.37 16.26
N CYS A 431 -18.96 14.14 15.21
CA CYS A 431 -19.93 14.48 14.18
C CYS A 431 -19.60 13.90 12.81
N GLY A 432 -20.65 13.51 12.09
CA GLY A 432 -20.52 13.14 10.69
C GLY A 432 -20.48 11.65 10.45
N ILE A 433 -21.01 11.28 9.29
CA ILE A 433 -21.07 9.91 8.81
C ILE A 433 -19.69 9.26 8.66
N SER A 434 -18.67 10.09 8.41
CA SER A 434 -17.30 9.60 8.12
C SER A 434 -16.43 9.32 9.33
N SER A 435 -16.85 9.76 10.52
CA SER A 435 -16.16 9.42 11.77
C SER A 435 -16.87 8.25 12.45
N VAL A 436 -16.15 7.17 12.71
CA VAL A 436 -16.70 6.04 13.45
C VAL A 436 -15.87 5.75 14.71
N LEU A 437 -14.60 5.40 14.53
CA LEU A 437 -13.78 4.94 15.65
C LEU A 437 -13.62 6.01 16.72
N ASP A 438 -13.26 7.21 16.31
CA ASP A 438 -13.01 8.32 17.24
C ASP A 438 -14.31 8.91 17.81
N LYS A 439 -15.41 8.65 17.13
CA LYS A 439 -16.74 9.00 17.63
C LYS A 439 -17.07 8.18 18.87
N ILE A 440 -16.69 6.91 18.87
CA ILE A 440 -17.06 5.97 19.94
C ILE A 440 -16.12 6.03 21.15
N VAL A 441 -14.82 6.05 20.92
CA VAL A 441 -13.84 6.16 22.00
C VAL A 441 -12.86 7.28 21.64
N PRO A 442 -13.27 8.54 21.85
CA PRO A 442 -12.42 9.65 21.44
C PRO A 442 -11.03 9.62 22.06
N GLY A 443 -10.02 9.93 21.25
CA GLY A 443 -8.66 10.03 21.71
C GLY A 443 -7.93 8.72 21.92
N TYR A 444 -8.52 7.62 21.47
CA TYR A 444 -7.92 6.30 21.67
C TYR A 444 -7.35 5.66 20.41
N TYR A 445 -8.17 5.59 19.36
CA TYR A 445 -7.76 4.95 18.11
C TYR A 445 -6.77 5.82 17.31
N VAL A 446 -6.73 7.11 17.62
CA VAL A 446 -5.81 8.06 16.99
C VAL A 446 -4.57 8.36 17.85
N ARG A 447 -3.43 8.51 17.19
CA ARG A 447 -2.18 8.86 17.84
C ARG A 447 -2.16 10.36 18.10
N ARG A 448 -1.63 10.74 19.28
CA ARG A 448 -1.62 12.14 19.69
C ARG A 448 -0.22 12.55 20.10
N ASP A 449 0.08 13.84 20.00
CA ASP A 449 1.38 14.35 20.45
C ASP A 449 1.42 14.49 21.98
N THR A 450 2.54 14.98 22.51
CA THR A 450 2.69 15.09 23.96
C THR A 450 1.85 16.22 24.59
N ASN A 451 1.20 17.03 23.75
CA ASN A 451 0.22 18.02 24.21
C ASN A 451 -1.23 17.54 24.06
N GLY A 452 -1.41 16.35 23.49
CA GLY A 452 -2.74 15.78 23.28
C GLY A 452 -3.38 16.06 21.92
N GLN A 453 -2.67 16.76 21.03
CA GLN A 453 -3.22 17.07 19.71
C GLN A 453 -3.04 15.86 18.79
N ILE A 454 -4.02 15.61 17.94
CA ILE A 454 -3.96 14.47 17.00
C ILE A 454 -2.79 14.64 16.02
N GLU A 455 -2.03 13.57 15.81
CA GLU A 455 -0.94 13.53 14.83
C GLU A 455 -1.52 13.36 13.42
N ASN A 456 -0.96 14.09 12.45
CA ASN A 456 -1.50 14.09 11.08
C ASN A 456 -0.46 13.77 9.99
N SER A 457 0.70 13.24 10.37
CA SER A 457 1.80 13.01 9.41
C SER A 457 1.45 12.03 8.28
N ALA A 458 0.53 11.09 8.52
CA ALA A 458 0.11 10.15 7.46
C ALA A 458 -0.73 10.84 6.36
N ALA A 459 -1.43 11.91 6.75
CA ALA A 459 -2.34 12.70 5.90
C ALA A 459 -3.25 13.47 6.86
N MET A 460 -3.94 12.73 7.71
CA MET A 460 -4.76 13.27 8.79
C MET A 460 -5.14 12.15 9.73
N ASN A 461 -5.32 12.45 11.02
CA ASN A 461 -5.82 11.47 12.00
C ASN A 461 -5.05 10.15 12.01
N ASN A 462 -3.75 10.22 12.26
CA ASN A 462 -2.93 9.03 12.36
C ASN A 462 -3.51 8.09 13.40
N THR A 463 -3.52 6.79 13.11
CA THR A 463 -3.92 5.77 14.07
C THR A 463 -2.78 5.44 15.02
N ALA A 464 -3.11 4.79 16.14
CA ALA A 464 -2.12 4.36 17.12
C ALA A 464 -2.16 2.85 17.29
N SER A 465 -1.53 2.14 16.36
CA SER A 465 -1.49 0.67 16.41
C SER A 465 -0.78 0.14 17.66
N GLU A 466 -0.01 0.99 18.33
CA GLU A 466 0.59 0.65 19.63
C GLU A 466 -0.45 0.41 20.75
N HIS A 467 -1.69 0.85 20.52
CA HIS A 467 -2.78 0.62 21.47
C HIS A 467 -3.47 -0.71 21.18
N PHE A 468 -3.80 -1.43 22.26
CA PHE A 468 -4.21 -2.82 22.21
C PHE A 468 -5.38 -3.05 21.25
N MET A 469 -6.41 -2.22 21.34
CA MET A 469 -7.62 -2.45 20.55
C MET A 469 -7.49 -1.97 19.10
N VAL A 470 -6.51 -1.10 18.84
CA VAL A 470 -6.18 -0.73 17.45
C VAL A 470 -5.47 -1.91 16.77
N ASP A 471 -4.46 -2.44 17.46
CA ASP A 471 -3.78 -3.66 17.04
C ASP A 471 -4.79 -4.79 16.78
N ARG A 472 -5.72 -4.98 17.71
CA ARG A 472 -6.72 -6.03 17.57
C ARG A 472 -7.57 -5.84 16.31
N LEU A 473 -8.05 -4.63 16.10
CA LEU A 473 -8.92 -4.32 14.97
C LEU A 473 -8.20 -4.54 13.63
N ILE A 474 -6.93 -4.14 13.57
CA ILE A 474 -6.12 -4.31 12.37
C ILE A 474 -5.99 -5.78 12.00
N VAL A 475 -5.60 -6.60 12.97
CA VAL A 475 -5.42 -8.02 12.72
C VAL A 475 -6.75 -8.73 12.44
N ASP A 476 -7.79 -8.38 13.20
CA ASP A 476 -9.14 -8.91 12.94
C ASP A 476 -9.60 -8.55 11.53
N ASP A 477 -9.28 -7.34 11.08
CA ASP A 477 -9.66 -6.92 9.73
C ASP A 477 -8.95 -7.74 8.65
N LEU A 478 -7.64 -7.91 8.82
CA LEU A 478 -6.87 -8.74 7.91
C LEU A 478 -7.45 -10.17 7.80
N LEU A 479 -7.79 -10.79 8.93
CA LEU A 479 -8.37 -12.14 8.92
C LEU A 479 -9.73 -12.16 8.24
N ASN A 480 -10.51 -11.11 8.43
CA ASN A 480 -11.80 -10.93 7.74
C ASN A 480 -11.57 -11.01 6.22
N TRP A 481 -10.66 -10.20 5.70
CA TRP A 481 -10.42 -10.20 4.25
C TRP A 481 -9.85 -11.52 3.77
N ALA A 482 -8.94 -12.10 4.56
CA ALA A 482 -8.32 -13.38 4.18
C ALA A 482 -9.32 -14.54 4.19
N VAL A 483 -10.18 -14.59 5.21
CA VAL A 483 -11.10 -15.72 5.36
C VAL A 483 -12.43 -15.51 4.62
N ASN A 484 -13.06 -14.36 4.84
CA ASN A 484 -14.38 -14.08 4.25
C ASN A 484 -14.35 -13.72 2.76
N TYR A 485 -13.21 -13.22 2.29
CA TYR A 485 -13.07 -12.82 0.88
C TYR A 485 -11.91 -13.53 0.16
N LYS A 486 -11.21 -14.43 0.85
CA LYS A 486 -10.16 -15.26 0.24
C LYS A 486 -9.09 -14.45 -0.51
N VAL A 487 -8.76 -13.30 0.07
CA VAL A 487 -7.74 -12.40 -0.47
C VAL A 487 -6.35 -13.02 -0.30
N ASP A 488 -5.49 -12.84 -1.30
CA ASP A 488 -4.22 -13.56 -1.38
C ASP A 488 -3.02 -12.80 -0.82
N GLY A 489 -3.18 -11.52 -0.52
CA GLY A 489 -2.07 -10.73 0.00
C GLY A 489 -2.48 -9.32 0.35
N PHE A 490 -1.58 -8.61 1.00
CA PHE A 490 -1.87 -7.28 1.50
C PHE A 490 -0.67 -6.35 1.32
N ARG A 491 -0.96 -5.15 0.81
CA ARG A 491 0.02 -4.07 0.73
C ARG A 491 -0.32 -3.04 1.79
N PHE A 492 0.61 -2.79 2.70
CA PHE A 492 0.38 -1.89 3.82
C PHE A 492 0.84 -0.47 3.50
N ASP A 493 -0.13 0.41 3.30
CA ASP A 493 0.11 1.83 3.16
C ASP A 493 0.79 2.35 4.43
N LEU A 494 1.86 3.12 4.27
CA LEU A 494 2.63 3.68 5.41
C LEU A 494 2.81 2.68 6.54
N MET A 495 3.42 1.55 6.17
CA MET A 495 3.76 0.48 7.10
C MET A 495 4.68 0.98 8.22
N GLY A 496 5.47 2.01 7.92
CA GLY A 496 6.32 2.65 8.93
C GLY A 496 5.56 3.29 10.08
N HIS A 497 4.27 3.57 9.86
CA HIS A 497 3.41 4.12 10.90
C HIS A 497 2.73 3.03 11.74
N ILE A 498 2.94 1.78 11.36
CA ILE A 498 2.39 0.64 12.07
CA ILE A 498 2.39 0.63 12.05
C ILE A 498 3.47 0.00 12.92
N MET A 499 3.11 -0.44 14.13
CA MET A 499 4.06 -1.12 14.99
C MET A 499 4.50 -2.44 14.35
N LYS A 500 5.78 -2.74 14.45
CA LYS A 500 6.31 -4.01 13.93
C LYS A 500 5.62 -5.20 14.60
N ARG A 501 5.33 -5.10 15.90
CA ARG A 501 4.64 -6.22 16.57
C ARG A 501 3.26 -6.51 15.98
N THR A 502 2.56 -5.49 15.50
CA THR A 502 1.28 -5.68 14.80
C THR A 502 1.49 -6.42 13.48
N MET A 503 2.49 -5.99 12.72
CA MET A 503 2.83 -6.61 11.44
C MET A 503 3.18 -8.09 11.63
N MET A 504 3.99 -8.38 12.62
CA MET A 504 4.45 -9.77 12.84
C MET A 504 3.33 -10.67 13.36
N ARG A 505 2.47 -10.14 14.23
CA ARG A 505 1.32 -10.92 14.70
C ARG A 505 0.36 -11.21 13.54
N ALA A 506 0.10 -10.22 12.70
CA ALA A 506 -0.72 -10.40 11.50
C ALA A 506 -0.15 -11.49 10.58
N LYS A 507 1.16 -11.42 10.32
CA LYS A 507 1.84 -12.41 9.49
C LYS A 507 1.65 -13.81 10.06
N SER A 508 1.86 -13.96 11.37
CA SER A 508 1.67 -15.26 12.03
C SER A 508 0.24 -15.79 11.89
N ALA A 509 -0.74 -14.94 12.22
CA ALA A 509 -2.16 -15.32 12.17
C ALA A 509 -2.63 -15.68 10.75
N LEU A 510 -2.21 -14.90 9.77
CA LEU A 510 -2.56 -15.16 8.38
C LEU A 510 -1.91 -16.43 7.85
N GLN A 511 -0.62 -16.60 8.13
CA GLN A 511 0.15 -17.72 7.57
C GLN A 511 -0.29 -19.08 8.09
N SER A 512 -0.96 -19.12 9.24
CA SER A 512 -1.41 -20.38 9.85
C SER A 512 -2.84 -20.78 9.48
N LEU A 513 -3.53 -19.95 8.70
CA LEU A 513 -4.84 -20.33 8.17
C LEU A 513 -4.67 -21.54 7.23
N THR A 514 -5.61 -22.48 7.28
CA THR A 514 -5.59 -23.68 6.46
C THR A 514 -6.90 -23.87 5.71
N THR A 515 -6.85 -24.66 4.65
CA THR A 515 -8.01 -24.91 3.83
C THR A 515 -9.03 -25.74 4.61
N ASP A 516 -8.53 -26.71 5.38
CA ASP A 516 -9.38 -27.58 6.20
C ASP A 516 -10.19 -26.79 7.21
N ALA A 517 -9.53 -25.88 7.93
CA ALA A 517 -10.17 -25.14 9.03
C ALA A 517 -10.80 -23.82 8.60
N HIS A 518 -10.23 -23.16 7.59
CA HIS A 518 -10.62 -21.78 7.25
C HIS A 518 -10.96 -21.53 5.78
N GLY A 519 -10.76 -22.53 4.92
CA GLY A 519 -11.07 -22.39 3.50
C GLY A 519 -9.99 -21.69 2.66
N VAL A 520 -8.87 -21.35 3.28
CA VAL A 520 -7.77 -20.68 2.56
C VAL A 520 -6.41 -21.19 3.03
N ASP A 521 -5.47 -21.30 2.09
CA ASP A 521 -4.10 -21.70 2.42
C ASP A 521 -3.31 -20.47 2.82
N GLY A 522 -3.27 -20.23 4.13
CA GLY A 522 -2.58 -19.09 4.69
C GLY A 522 -1.10 -19.01 4.38
N SER A 523 -0.46 -20.16 4.18
CA SER A 523 0.97 -20.22 3.91
C SER A 523 1.37 -19.47 2.63
N LYS A 524 0.41 -19.22 1.73
CA LYS A 524 0.66 -18.53 0.47
C LYS A 524 0.36 -17.03 0.51
N ILE A 525 -0.12 -16.51 1.65
CA ILE A 525 -0.50 -15.10 1.76
C ILE A 525 0.75 -14.24 1.96
N TYR A 526 0.91 -13.25 1.09
CA TYR A 526 2.11 -12.43 1.06
C TYR A 526 1.81 -11.01 1.54
N LEU A 527 2.69 -10.48 2.38
CA LEU A 527 2.58 -9.14 2.94
C LEU A 527 3.76 -8.28 2.50
N TYR A 528 3.48 -7.02 2.19
CA TYR A 528 4.51 -6.04 1.85
C TYR A 528 3.94 -4.66 2.13
N GLY A 529 4.78 -3.64 2.10
CA GLY A 529 4.32 -2.29 2.41
C GLY A 529 5.35 -1.20 2.22
N GLU A 530 4.91 0.04 2.41
CA GLU A 530 5.79 1.20 2.38
C GLU A 530 6.45 1.38 3.73
N GLY A 531 7.73 1.06 3.83
CA GLY A 531 8.46 1.17 5.09
C GLY A 531 9.12 2.52 5.32
N TRP A 532 8.48 3.61 4.89
CA TRP A 532 9.04 4.95 5.07
C TRP A 532 9.08 5.30 6.55
N ASP A 533 10.16 5.95 6.96
CA ASP A 533 10.41 6.25 8.35
C ASP A 533 10.49 7.77 8.48
N PHE A 534 9.44 8.38 8.99
CA PHE A 534 9.39 9.85 9.13
C PHE A 534 8.46 10.32 10.23
N ALA A 535 8.54 11.62 10.53
CA ALA A 535 7.69 12.27 11.53
C ALA A 535 7.79 11.56 12.90
N GLU A 536 6.66 11.40 13.58
CA GLU A 536 6.67 11.02 14.99
C GLU A 536 7.08 9.58 15.27
N VAL A 537 7.06 8.72 14.24
CA VAL A 537 7.43 7.32 14.38
C VAL A 537 8.90 7.04 14.06
N ALA A 538 9.57 8.01 13.45
CA ALA A 538 10.98 7.86 13.08
C ALA A 538 11.84 7.55 14.31
N ARG A 539 12.94 6.82 14.08
CA ARG A 539 13.88 6.45 15.14
C ARG A 539 13.22 5.70 16.31
N ASN A 540 12.22 4.89 15.99
CA ASN A 540 11.52 4.08 16.98
C ASN A 540 10.90 4.84 18.16
N GLN A 541 10.58 6.11 17.96
CA GLN A 541 10.08 6.97 19.04
C GLN A 541 8.78 6.48 19.70
N ARG A 542 7.91 5.82 18.94
CA ARG A 542 6.66 5.27 19.49
C ARG A 542 6.71 3.77 19.71
N GLY A 543 7.90 3.20 19.58
CA GLY A 543 8.09 1.75 19.58
C GLY A 543 8.74 1.33 18.27
N ILE A 544 9.09 0.05 18.16
CA ILE A 544 9.70 -0.46 16.95
C ILE A 544 8.64 -0.48 15.86
N ASN A 545 8.82 0.36 14.84
CA ASN A 545 7.83 0.54 13.79
C ASN A 545 8.21 -0.20 12.52
N GLY A 546 7.28 -0.28 11.58
CA GLY A 546 7.45 -1.09 10.36
C GLY A 546 8.25 -0.43 9.26
N SER A 547 9.36 0.21 9.63
CA SER A 547 10.27 0.85 8.69
C SER A 547 11.08 -0.18 7.92
N GLN A 548 11.60 0.23 6.78
CA GLN A 548 12.46 -0.62 5.94
C GLN A 548 13.53 -1.36 6.75
N LEU A 549 14.30 -0.61 7.53
CA LEU A 549 15.38 -1.24 8.30
C LEU A 549 14.85 -2.21 9.35
N ASN A 550 13.77 -1.84 10.05
CA ASN A 550 13.19 -2.73 11.08
C ASN A 550 12.55 -4.00 10.50
N MET A 551 12.13 -3.96 9.24
CA MET A 551 11.49 -5.13 8.66
C MET A 551 12.47 -6.07 7.95
N SER A 552 13.75 -5.73 7.97
CA SER A 552 14.78 -6.66 7.51
C SER A 552 14.73 -7.94 8.34
N GLY A 553 14.70 -9.09 7.67
CA GLY A 553 14.63 -10.39 8.35
C GLY A 553 13.25 -10.80 8.84
N THR A 554 12.19 -10.17 8.33
CA THR A 554 10.82 -10.50 8.70
C THR A 554 10.07 -11.27 7.62
N GLY A 555 10.60 -11.32 6.40
CA GLY A 555 9.89 -11.93 5.27
C GLY A 555 8.71 -11.10 4.76
N ILE A 556 8.62 -9.86 5.24
CA ILE A 556 7.62 -8.91 4.77
C ILE A 556 8.32 -7.91 3.84
N GLY A 557 7.77 -7.73 2.65
CA GLY A 557 8.38 -6.89 1.63
C GLY A 557 8.28 -5.40 1.93
N SER A 558 9.23 -4.64 1.40
CA SER A 558 9.12 -3.19 1.37
C SER A 558 9.60 -2.63 0.04
N PHE A 559 8.99 -1.52 -0.36
CA PHE A 559 9.35 -0.82 -1.57
C PHE A 559 10.78 -0.33 -1.54
N ASN A 560 11.51 -0.67 -2.60
CA ASN A 560 12.89 -0.27 -2.78
C ASN A 560 12.95 1.05 -3.52
N ASP A 561 12.97 2.15 -2.74
CA ASP A 561 13.08 3.48 -3.31
C ASP A 561 14.47 3.76 -3.89
N ARG A 562 15.47 2.97 -3.50
CA ARG A 562 16.83 3.19 -3.99
C ARG A 562 16.91 2.89 -5.49
N ILE A 563 16.41 1.73 -5.91
CA ILE A 563 16.46 1.35 -7.33
C ILE A 563 15.60 2.29 -8.18
N ARG A 564 14.44 2.67 -7.66
CA ARG A 564 13.54 3.64 -8.30
C ARG A 564 14.26 4.95 -8.61
N ASP A 565 14.87 5.53 -7.59
CA ASP A 565 15.54 6.82 -7.74
C ASP A 565 16.81 6.74 -8.59
N ALA A 566 17.54 5.64 -8.50
CA ALA A 566 18.75 5.47 -9.30
C ALA A 566 18.43 5.36 -10.78
N ILE A 567 17.32 4.67 -11.09
CA ILE A 567 16.90 4.48 -12.47
C ILE A 567 16.34 5.78 -13.06
N ASN A 568 15.38 6.39 -12.36
CA ASN A 568 14.71 7.59 -12.86
C ASN A 568 15.54 8.87 -12.66
N GLY A 569 16.34 8.92 -11.59
CA GLY A 569 17.09 10.12 -11.25
C GLY A 569 16.36 10.95 -10.21
N GLY A 570 17.13 11.55 -9.31
CA GLY A 570 16.57 12.44 -8.30
C GLY A 570 15.65 11.72 -7.33
N ASN A 571 14.54 12.37 -7.02
CA ASN A 571 13.60 11.89 -6.02
C ASN A 571 12.27 12.59 -6.32
N PRO A 572 11.13 11.99 -5.97
CA PRO A 572 9.84 12.61 -6.26
C PRO A 572 9.65 14.01 -5.69
N PHE A 573 10.39 14.33 -4.64
CA PHE A 573 10.30 15.63 -3.98
C PHE A 573 11.53 16.52 -4.23
N GLY A 574 12.37 16.10 -5.16
CA GLY A 574 13.55 16.86 -5.59
C GLY A 574 13.29 17.62 -6.87
N ASN A 575 14.38 18.00 -7.54
CA ASN A 575 14.28 18.73 -8.81
C ASN A 575 13.73 17.81 -9.88
N PRO A 576 12.61 18.19 -10.54
CA PRO A 576 11.98 17.34 -11.56
C PRO A 576 12.88 16.99 -12.74
N LEU A 577 13.88 17.84 -13.04
CA LEU A 577 14.74 17.63 -14.20
C LEU A 577 16.05 16.87 -13.91
N GLN A 578 16.26 16.48 -12.66
CA GLN A 578 17.45 15.71 -12.29
C GLN A 578 17.45 14.34 -12.95
N GLN A 579 18.50 14.06 -13.72
CA GLN A 579 18.57 12.83 -14.52
C GLN A 579 19.18 11.66 -13.75
N GLY A 580 18.82 10.44 -14.19
CA GLY A 580 19.30 9.21 -13.59
C GLY A 580 19.87 8.26 -14.65
N PHE A 581 20.09 7.02 -14.23
CA PHE A 581 20.76 6.04 -15.07
C PHE A 581 19.99 5.82 -16.36
N ASN A 582 18.67 5.76 -16.26
CA ASN A 582 17.84 5.51 -17.42
C ASN A 582 17.18 6.76 -18.00
N THR A 583 17.57 7.95 -17.55
CA THR A 583 16.97 9.17 -18.11
C THR A 583 18.00 10.18 -18.65
N GLY A 584 19.22 9.70 -18.87
CA GLY A 584 20.20 10.43 -19.67
C GLY A 584 21.33 11.08 -18.91
N LEU A 585 21.43 10.82 -17.61
CA LEU A 585 22.56 11.34 -16.82
C LEU A 585 23.90 10.99 -17.47
N PHE A 586 24.73 12.02 -17.65
CA PHE A 586 26.05 11.91 -18.31
C PHE A 586 26.00 11.65 -19.82
N LEU A 587 25.30 10.60 -20.23
CA LEU A 587 25.24 10.20 -21.64
C LEU A 587 24.45 11.14 -22.53
N GLU A 588 23.35 11.68 -21.99
CA GLU A 588 22.44 12.53 -22.76
C GLU A 588 21.89 13.64 -21.88
N PRO A 589 22.76 14.60 -21.52
CA PRO A 589 22.32 15.69 -20.65
C PRO A 589 21.14 16.46 -21.25
N ASN A 590 20.16 16.82 -20.43
CA ASN A 590 18.97 17.53 -20.91
C ASN A 590 19.16 19.05 -21.00
N GLY A 591 20.29 19.54 -20.49
CA GLY A 591 20.64 20.96 -20.57
C GLY A 591 20.00 21.86 -19.54
N PHE A 592 19.30 21.28 -18.56
CA PHE A 592 18.69 22.05 -17.48
C PHE A 592 19.37 21.75 -16.15
N ASP A 599 32.25 14.86 -13.21
CA ASP A 599 31.33 14.66 -12.10
C ASP A 599 30.13 13.77 -12.46
N THR A 600 29.44 14.07 -13.56
CA THR A 600 28.24 13.30 -13.91
C THR A 600 28.56 11.85 -14.31
N ARG A 601 29.75 11.61 -14.85
CA ARG A 601 30.20 10.23 -15.11
C ARG A 601 30.24 9.45 -13.80
N ARG A 602 30.79 10.06 -12.75
CA ARG A 602 30.86 9.44 -11.44
C ARG A 602 29.46 9.32 -10.82
N SER A 603 28.60 10.32 -11.04
CA SER A 603 27.22 10.26 -10.55
C SER A 603 26.47 9.08 -11.18
N LEU A 604 26.67 8.90 -12.48
CA LEU A 604 26.08 7.79 -13.21
C LEU A 604 26.54 6.45 -12.63
N ALA A 605 27.84 6.31 -12.39
CA ALA A 605 28.43 5.09 -11.86
C ALA A 605 27.92 4.78 -10.44
N THR A 606 27.72 5.82 -9.64
CA THR A 606 27.13 5.68 -8.31
C THR A 606 25.70 5.13 -8.40
N TYR A 607 24.91 5.65 -9.32
CA TYR A 607 23.57 5.11 -9.55
C TYR A 607 23.60 3.66 -10.05
N ALA A 608 24.53 3.35 -10.95
CA ALA A 608 24.69 1.96 -11.43
C ALA A 608 24.98 0.98 -10.29
N ASP A 609 25.82 1.37 -9.34
CA ASP A 609 26.08 0.55 -8.15
C ASP A 609 24.78 0.29 -7.36
N GLN A 610 23.98 1.33 -7.16
CA GLN A 610 22.75 1.23 -6.39
C GLN A 610 21.74 0.33 -7.11
N ILE A 611 21.70 0.44 -8.44
CA ILE A 611 20.83 -0.41 -9.25
C ILE A 611 21.25 -1.87 -9.13
N GLN A 612 22.54 -2.13 -9.21
CA GLN A 612 23.05 -3.50 -9.14
C GLN A 612 22.75 -4.18 -7.79
N ILE A 613 22.91 -3.45 -6.69
CA ILE A 613 22.50 -3.99 -5.40
C ILE A 613 21.01 -4.35 -5.43
N GLY A 614 20.19 -3.49 -6.03
CA GLY A 614 18.75 -3.73 -6.17
C GLY A 614 18.43 -4.94 -7.02
N LEU A 615 19.12 -5.07 -8.16
CA LEU A 615 18.93 -6.20 -9.07
C LEU A 615 19.30 -7.55 -8.44
N ALA A 616 20.17 -7.52 -7.44
CA ALA A 616 20.53 -8.69 -6.66
C ALA A 616 19.69 -8.84 -5.38
N GLY A 617 18.51 -8.24 -5.35
CA GLY A 617 17.56 -8.43 -4.26
C GLY A 617 17.68 -7.42 -3.13
N ASN A 618 18.49 -6.40 -3.34
CA ASN A 618 18.72 -5.33 -2.37
C ASN A 618 19.14 -5.82 -0.99
N LEU A 619 20.06 -6.79 -0.99
CA LEU A 619 20.50 -7.49 0.20
C LEU A 619 21.53 -6.68 0.97
N ARG A 620 21.48 -6.76 2.30
CA ARG A 620 22.48 -6.08 3.13
C ARG A 620 23.89 -6.66 2.97
N ASP A 621 23.98 -7.96 2.72
CA ASP A 621 25.26 -8.69 2.73
C ASP A 621 25.81 -9.09 1.36
N TYR A 622 25.10 -8.78 0.28
CA TYR A 622 25.63 -9.04 -1.07
C TYR A 622 26.84 -8.15 -1.31
N VAL A 623 27.93 -8.73 -1.83
CA VAL A 623 29.17 -7.99 -2.05
C VAL A 623 29.32 -7.61 -3.54
N LEU A 624 29.51 -6.32 -3.78
CA LEU A 624 29.66 -5.78 -5.11
C LEU A 624 30.99 -5.06 -5.22
N ILE A 625 31.66 -5.21 -6.36
CA ILE A 625 32.79 -4.34 -6.70
C ILE A 625 32.21 -2.98 -7.07
N SER A 626 32.37 -1.99 -6.19
CA SER A 626 31.80 -0.66 -6.42
C SER A 626 32.60 0.11 -7.45
N HIS A 627 32.08 1.28 -7.85
CA HIS A 627 32.68 2.04 -8.93
C HIS A 627 34.06 2.63 -8.57
N THR A 628 34.40 2.70 -7.29
CA THR A 628 35.76 3.09 -6.87
C THR A 628 36.74 1.92 -6.94
N GLY A 629 36.24 0.71 -7.15
CA GLY A 629 37.07 -0.49 -7.18
C GLY A 629 37.00 -1.31 -5.91
N GLU A 630 36.62 -0.68 -4.80
CA GLU A 630 36.50 -1.35 -3.51
C GLU A 630 35.30 -2.28 -3.47
N ALA A 631 35.51 -3.48 -2.91
CA ALA A 631 34.44 -4.45 -2.71
C ALA A 631 33.61 -4.04 -1.49
N LYS A 632 32.31 -3.85 -1.70
CA LYS A 632 31.42 -3.36 -0.64
C LYS A 632 30.17 -4.22 -0.52
N LYS A 633 29.73 -4.43 0.73
CA LYS A 633 28.44 -5.03 0.99
C LYS A 633 27.32 -4.06 0.61
N GLY A 634 26.16 -4.61 0.27
CA GLY A 634 25.00 -3.79 -0.06
C GLY A 634 24.69 -2.72 0.98
N SER A 635 24.90 -3.04 2.25
CA SER A 635 24.62 -2.11 3.34
C SER A 635 25.69 -1.03 3.53
N GLU A 636 26.87 -1.24 2.94
CA GLU A 636 27.99 -0.29 3.05
C GLU A 636 27.98 0.73 1.91
N ILE A 637 27.21 0.46 0.86
CA ILE A 637 26.91 1.45 -0.16
C ILE A 637 25.74 2.27 0.36
N HIS A 638 25.90 3.59 0.43
CA HIS A 638 24.91 4.46 1.06
C HIS A 638 24.13 5.31 0.06
N THR A 639 22.91 5.69 0.44
CA THR A 639 22.10 6.64 -0.32
C THR A 639 22.55 8.07 -0.01
N PHE A 640 21.97 9.06 -0.69
CA PHE A 640 22.33 10.46 -0.48
C PHE A 640 21.97 10.96 0.93
N ASP A 641 21.05 10.28 1.61
CA ASP A 641 20.73 10.61 3.00
C ASP A 641 21.35 9.66 4.04
N GLY A 642 22.42 8.97 3.64
CA GLY A 642 23.25 8.20 4.58
C GLY A 642 22.77 6.83 4.99
N LEU A 643 21.66 6.37 4.41
CA LEU A 643 21.10 5.06 4.74
C LEU A 643 21.70 3.98 3.84
N PRO A 644 21.73 2.72 4.31
CA PRO A 644 22.26 1.65 3.46
C PRO A 644 21.37 1.42 2.25
N VAL A 645 21.97 1.23 1.07
CA VAL A 645 21.22 0.94 -0.14
C VAL A 645 20.54 -0.42 0.02
N GLY A 646 21.37 -1.44 0.25
CA GLY A 646 20.88 -2.79 0.47
C GLY A 646 20.59 -3.00 1.94
N TYR A 647 19.37 -3.42 2.27
CA TYR A 647 18.98 -3.56 3.67
C TYR A 647 18.25 -4.86 4.02
N THR A 648 17.96 -5.69 3.03
CA THR A 648 17.14 -6.88 3.29
C THR A 648 17.98 -8.12 3.63
N ALA A 649 17.31 -9.11 4.22
CA ALA A 649 17.91 -10.42 4.49
C ALA A 649 17.52 -11.47 3.43
N SER A 650 16.63 -11.10 2.52
CA SER A 650 16.08 -12.02 1.52
C SER A 650 15.52 -11.24 0.35
N PRO A 651 15.60 -11.81 -0.88
CA PRO A 651 14.96 -11.16 -2.01
C PRO A 651 13.45 -11.00 -1.87
N ILE A 652 12.80 -11.86 -1.09
CA ILE A 652 11.36 -11.70 -0.87
C ILE A 652 10.99 -10.46 -0.02
N GLU A 653 11.99 -9.82 0.59
CA GLU A 653 11.74 -8.60 1.37
C GLU A 653 11.87 -7.34 0.52
N THR A 654 12.20 -7.50 -0.76
CA THR A 654 12.41 -6.37 -1.66
C THR A 654 11.35 -6.29 -2.74
N ILE A 655 10.66 -5.16 -2.78
CA ILE A 655 9.70 -4.85 -3.84
C ILE A 655 10.38 -3.86 -4.76
N ASN A 656 10.85 -4.34 -5.91
CA ASN A 656 11.56 -3.48 -6.85
C ASN A 656 10.56 -2.80 -7.78
N TYR A 657 10.65 -1.48 -7.83
CA TYR A 657 9.76 -0.68 -8.67
C TYR A 657 10.44 0.58 -9.21
N VAL A 658 9.90 1.09 -10.31
CA VAL A 658 10.27 2.39 -10.89
C VAL A 658 9.06 3.32 -11.00
N SER A 659 7.89 2.81 -10.66
CA SER A 659 6.63 3.52 -10.87
C SER A 659 5.54 2.89 -10.01
N ALA A 660 4.56 3.71 -9.66
CA ALA A 660 3.41 3.30 -8.87
C ALA A 660 2.35 4.38 -9.03
N HIS A 661 1.22 4.23 -8.34
CA HIS A 661 0.15 5.22 -8.44
C HIS A 661 0.64 6.60 -7.98
N ASP A 662 1.49 6.62 -6.94
CA ASP A 662 2.07 7.87 -6.42
C ASP A 662 3.09 8.42 -7.40
N ASN A 663 3.18 9.75 -7.47
CA ASN A 663 4.17 10.45 -8.29
C ASN A 663 3.91 10.26 -9.78
N GLU A 664 4.85 10.71 -10.61
CA GLU A 664 4.66 10.68 -12.06
C GLU A 664 4.72 9.26 -12.59
N THR A 665 3.93 8.98 -13.62
CA THR A 665 3.96 7.68 -14.27
C THR A 665 5.35 7.49 -14.91
N LEU A 666 5.70 6.24 -15.20
CA LEU A 666 6.95 5.95 -15.88
C LEU A 666 7.12 6.77 -17.17
N PHE A 667 6.10 6.78 -18.02
CA PHE A 667 6.15 7.53 -19.27
C PHE A 667 6.37 9.02 -19.00
N ASP A 668 5.66 9.56 -18.03
CA ASP A 668 5.73 10.99 -17.73
C ASP A 668 7.08 11.38 -17.17
N VAL A 669 7.65 10.58 -16.27
CA VAL A 669 8.95 10.93 -15.69
C VAL A 669 10.05 10.91 -16.77
N ILE A 670 9.97 9.94 -17.68
CA ILE A 670 10.91 9.85 -18.80
C ILE A 670 10.75 11.04 -19.75
N SER A 671 9.51 11.42 -20.01
CA SER A 671 9.23 12.58 -20.86
C SER A 671 9.70 13.90 -20.26
N VAL A 672 9.72 14.01 -18.93
CA VAL A 672 10.20 15.22 -18.24
C VAL A 672 11.73 15.29 -18.20
N LYS A 673 12.39 14.16 -17.91
CA LYS A 673 13.81 14.15 -17.59
C LYS A 673 14.75 13.99 -18.79
N THR A 674 14.31 13.28 -19.83
CA THR A 674 15.14 13.07 -21.01
C THR A 674 15.26 14.37 -21.83
N PRO A 675 16.30 14.46 -22.67
CA PRO A 675 16.37 15.63 -23.55
C PRO A 675 15.10 15.80 -24.37
N MET A 676 14.66 17.05 -24.50
CA MET A 676 13.46 17.35 -25.26
C MET A 676 13.58 16.88 -26.71
N ILE A 677 14.80 16.86 -27.22
CA ILE A 677 15.05 16.50 -28.63
C ILE A 677 14.83 15.01 -28.95
N LEU A 678 14.82 14.13 -27.95
CA LEU A 678 14.58 12.71 -28.23
C LEU A 678 13.22 12.53 -28.91
N SER A 679 13.16 11.54 -29.80
CA SER A 679 11.89 11.15 -30.40
C SER A 679 11.08 10.33 -29.41
N VAL A 680 9.78 10.23 -29.62
CA VAL A 680 8.96 9.36 -28.79
C VAL A 680 9.38 7.90 -28.96
N ASP A 681 9.88 7.55 -30.15
CA ASP A 681 10.37 6.19 -30.42
C ASP A 681 11.51 5.83 -29.47
N GLU A 682 12.45 6.77 -29.30
CA GLU A 682 13.53 6.61 -28.35
C GLU A 682 13.00 6.50 -26.91
N ARG A 683 12.07 7.39 -26.54
CA ARG A 683 11.51 7.35 -25.19
C ARG A 683 10.77 6.03 -24.91
N CYS A 684 10.12 5.48 -25.91
CA CYS A 684 9.47 4.17 -25.74
C CYS A 684 10.47 3.08 -25.36
N ARG A 685 11.63 3.07 -26.02
CA ARG A 685 12.69 2.12 -25.67
C ARG A 685 13.19 2.34 -24.25
N ILE A 686 13.24 3.60 -23.82
CA ILE A 686 13.67 3.93 -22.45
C ILE A 686 12.64 3.41 -21.43
N ASN A 687 11.35 3.51 -21.77
CA ASN A 687 10.29 2.96 -20.93
C ASN A 687 10.48 1.47 -20.74
N HIS A 688 10.74 0.77 -21.84
CA HIS A 688 10.96 -0.66 -21.81
C HIS A 688 12.17 -1.05 -20.95
N LEU A 689 13.24 -0.27 -21.06
CA LEU A 689 14.45 -0.56 -20.27
C LEU A 689 14.15 -0.54 -18.77
N ALA A 690 13.43 0.49 -18.31
CA ALA A 690 13.08 0.62 -16.89
C ALA A 690 12.23 -0.55 -16.40
N SER A 691 11.18 -0.89 -17.16
CA SER A 691 10.31 -1.99 -16.75
CA SER A 691 10.30 -2.01 -16.80
C SER A 691 11.06 -3.32 -16.80
N SER A 692 12.02 -3.46 -17.71
CA SER A 692 12.79 -4.69 -17.85
C SER A 692 13.76 -4.88 -16.69
N MET A 693 14.33 -3.79 -16.20
CA MET A 693 15.18 -3.86 -15.02
C MET A 693 14.39 -4.39 -13.82
N MET A 694 13.10 -4.07 -13.74
CA MET A 694 12.26 -4.62 -12.68
C MET A 694 11.97 -6.09 -12.95
N ALA A 695 11.50 -6.38 -14.16
CA ALA A 695 11.10 -7.73 -14.55
C ALA A 695 12.23 -8.76 -14.51
N LEU A 696 13.48 -8.33 -14.64
CA LEU A 696 14.61 -9.27 -14.60
C LEU A 696 15.46 -9.14 -13.34
N SER A 697 14.91 -8.48 -12.32
CA SER A 697 15.61 -8.33 -11.03
C SER A 697 15.35 -9.51 -10.12
N GLN A 698 16.27 -9.76 -9.20
CA GLN A 698 16.02 -10.65 -8.08
C GLN A 698 15.16 -9.86 -7.11
N GLY A 699 14.35 -10.55 -6.35
CA GLY A 699 13.35 -9.89 -5.52
C GLY A 699 12.02 -9.91 -6.25
N ILE A 700 11.10 -9.04 -5.83
CA ILE A 700 9.73 -9.09 -6.32
C ILE A 700 9.45 -7.87 -7.19
N PRO A 701 9.24 -8.09 -8.50
CA PRO A 701 8.93 -6.94 -9.37
C PRO A 701 7.52 -6.41 -9.19
N PHE A 702 7.43 -5.09 -9.20
CA PHE A 702 6.18 -4.36 -9.00
C PHE A 702 6.02 -3.43 -10.18
N PHE A 703 4.88 -3.55 -10.87
CA PHE A 703 4.55 -2.71 -12.02
C PHE A 703 3.32 -1.89 -11.74
N HIS A 704 3.36 -0.63 -12.15
CA HIS A 704 2.20 0.23 -12.13
C HIS A 704 1.34 -0.09 -13.34
N ALA A 705 0.04 -0.27 -13.15
CA ALA A 705 -0.88 -0.52 -14.26
C ALA A 705 -0.71 0.58 -15.30
N GLY A 706 -0.38 0.18 -16.52
CA GLY A 706 -0.08 1.15 -17.59
C GLY A 706 1.38 1.32 -17.95
N ASP A 707 2.31 0.86 -17.11
CA ASP A 707 3.74 0.80 -17.46
C ASP A 707 3.91 0.17 -18.85
N GLU A 708 3.14 -0.89 -19.08
CA GLU A 708 3.25 -1.70 -20.27
C GLU A 708 2.64 -1.06 -21.53
N ILE A 709 1.85 0.00 -21.33
CA ILE A 709 1.21 0.71 -22.44
C ILE A 709 1.46 2.23 -22.41
N LEU A 710 2.60 2.64 -21.87
CA LEU A 710 3.04 4.04 -21.94
C LEU A 710 2.06 5.02 -21.27
N ARG A 711 1.35 4.53 -20.25
CA ARG A 711 0.32 5.33 -19.60
C ARG A 711 0.83 6.68 -19.10
N SER A 712 0.10 7.74 -19.46
CA SER A 712 0.36 9.08 -18.99
C SER A 712 -0.80 9.60 -18.13
N LYS A 713 -0.49 10.55 -17.25
CA LYS A 713 -1.50 11.32 -16.54
C LYS A 713 -1.34 12.81 -16.85
N SER A 714 -0.77 13.11 -18.01
CA SER A 714 -0.48 14.48 -18.40
C SER A 714 0.46 15.12 -17.35
N ILE A 715 1.35 14.30 -16.78
CA ILE A 715 2.40 14.72 -15.84
C ILE A 715 1.89 15.07 -14.42
N ASP A 716 0.67 14.65 -14.11
CA ASP A 716 0.13 14.76 -12.76
C ASP A 716 0.99 13.96 -11.78
N ARG A 717 1.53 14.63 -10.75
CA ARG A 717 2.37 13.94 -9.77
CA ARG A 717 2.37 14.01 -9.74
C ARG A 717 1.59 13.34 -8.60
N ASP A 718 0.30 13.67 -8.48
CA ASP A 718 -0.51 13.11 -7.39
C ASP A 718 -1.98 13.13 -7.76
N SER A 719 -2.37 12.13 -8.54
CA SER A 719 -3.64 12.13 -9.25
C SER A 719 -4.83 11.54 -8.48
N TYR A 720 -4.71 11.47 -7.15
CA TYR A 720 -5.71 10.87 -6.25
C TYR A 720 -7.15 11.38 -6.41
N ASN A 721 -7.28 12.65 -6.75
CA ASN A 721 -8.57 13.28 -6.89
C ASN A 721 -8.70 13.99 -8.26
N SER A 722 -7.92 13.54 -9.23
CA SER A 722 -7.86 14.18 -10.54
C SER A 722 -8.82 13.57 -11.55
N GLY A 723 -9.73 12.73 -11.07
CA GLY A 723 -10.80 12.20 -11.89
C GLY A 723 -10.42 11.16 -12.91
N ASP A 724 -11.42 10.67 -13.62
CA ASP A 724 -11.21 9.75 -14.73
C ASP A 724 -10.43 10.40 -15.88
N TRP A 725 -10.54 11.73 -16.02
CA TRP A 725 -9.91 12.42 -17.13
C TRP A 725 -8.38 12.27 -17.11
N PHE A 726 -7.77 12.56 -15.97
CA PHE A 726 -6.32 12.48 -15.86
C PHE A 726 -5.79 11.06 -15.58
N ASN A 727 -6.66 10.17 -15.10
CA ASN A 727 -6.27 8.80 -14.76
C ASN A 727 -6.67 7.75 -15.80
N LYS A 728 -7.11 8.19 -16.97
CA LYS A 728 -7.62 7.30 -18.01
C LYS A 728 -6.68 6.12 -18.33
N LEU A 729 -7.22 4.91 -18.26
CA LEU A 729 -6.57 3.70 -18.78
C LEU A 729 -7.32 3.32 -20.03
N ASP A 730 -6.66 3.39 -21.18
CA ASP A 730 -7.31 3.14 -22.48
C ASP A 730 -6.94 1.76 -23.05
N PHE A 731 -7.80 0.78 -22.82
CA PHE A 731 -7.55 -0.57 -23.34
C PHE A 731 -7.91 -0.78 -24.82
N THR A 732 -8.28 0.30 -25.53
CA THR A 732 -8.31 0.30 -27.00
C THR A 732 -6.90 0.53 -27.56
N TYR A 733 -5.99 1.02 -26.70
CA TYR A 733 -4.60 1.32 -27.10
C TYR A 733 -4.46 2.47 -28.09
N GLU A 734 -5.51 3.27 -28.27
CA GLU A 734 -5.49 4.37 -29.23
C GLU A 734 -4.73 5.58 -28.69
N THR A 735 -4.84 5.82 -27.39
CA THR A 735 -4.15 6.93 -26.74
C THR A 735 -3.50 6.45 -25.44
N ASN A 736 -2.50 7.20 -24.98
CA ASN A 736 -1.92 6.92 -23.66
C ASN A 736 -2.26 8.02 -22.65
N ASN A 737 -3.13 8.96 -23.05
CA ASN A 737 -3.55 10.06 -22.19
C ASN A 737 -2.50 11.17 -21.98
N TRP A 738 -1.48 11.22 -22.84
CA TRP A 738 -0.56 12.34 -22.90
C TRP A 738 -1.21 13.53 -23.59
N GLY A 739 -1.01 14.74 -23.05
CA GLY A 739 -1.49 15.95 -23.70
C GLY A 739 -2.98 16.20 -23.57
N VAL A 740 -3.49 16.04 -22.35
CA VAL A 740 -4.91 16.24 -22.07
C VAL A 740 -5.11 17.42 -21.11
N GLY A 741 -4.18 18.39 -21.19
CA GLY A 741 -4.23 19.58 -20.33
C GLY A 741 -3.20 19.53 -19.22
N LEU A 742 -2.87 20.72 -18.70
CA LEU A 742 -2.07 20.80 -17.49
C LEU A 742 -2.82 20.10 -16.34
N PRO A 743 -2.09 19.33 -15.51
CA PRO A 743 -2.75 18.64 -14.40
C PRO A 743 -3.14 19.58 -13.26
N PRO A 744 -4.02 19.13 -12.34
CA PRO A 744 -4.58 20.01 -11.32
C PRO A 744 -3.58 20.86 -10.54
N SER A 745 -3.91 22.13 -10.35
CA SER A 745 -2.99 23.12 -9.79
C SER A 745 -2.56 22.78 -8.38
N GLU A 746 -3.49 22.22 -7.60
CA GLU A 746 -3.24 21.84 -6.20
C GLU A 746 -1.85 21.21 -6.00
N LYS A 747 -1.53 20.19 -6.80
CA LYS A 747 -0.28 19.46 -6.62
C LYS A 747 0.78 19.75 -7.69
N ASN A 748 0.43 20.51 -8.71
CA ASN A 748 1.27 20.61 -9.91
C ASN A 748 1.63 22.02 -10.38
N GLU A 749 0.98 23.05 -9.87
CA GLU A 749 1.11 24.38 -10.47
C GLU A 749 2.54 24.88 -10.58
N ASP A 750 3.38 24.56 -9.59
CA ASP A 750 4.78 25.01 -9.61
C ASP A 750 5.59 24.42 -10.78
N ASN A 751 5.12 23.31 -11.33
CA ASN A 751 5.78 22.66 -12.47
C ASN A 751 5.10 22.88 -13.82
N TRP A 752 3.99 23.61 -13.85
CA TRP A 752 3.31 23.89 -15.12
C TRP A 752 4.24 24.44 -16.22
N PRO A 753 5.16 25.36 -15.88
CA PRO A 753 6.00 25.88 -16.96
C PRO A 753 6.85 24.83 -17.68
N LEU A 754 7.35 23.82 -16.96
CA LEU A 754 8.07 22.73 -17.63
C LEU A 754 7.12 21.79 -18.37
N MET A 755 5.91 21.62 -17.86
CA MET A 755 4.93 20.71 -18.46
C MET A 755 4.34 21.21 -19.77
N LYS A 756 3.99 22.49 -19.82
CA LYS A 756 3.20 23.03 -20.94
C LYS A 756 3.82 22.79 -22.32
N PRO A 757 5.09 23.18 -22.52
CA PRO A 757 5.68 22.97 -23.85
C PRO A 757 5.76 21.50 -24.25
N ARG A 758 5.98 20.61 -23.28
CA ARG A 758 6.05 19.18 -23.56
C ARG A 758 4.68 18.60 -23.91
N LEU A 759 3.66 18.99 -23.16
CA LEU A 759 2.29 18.54 -23.42
C LEU A 759 1.77 19.02 -24.76
N GLU A 760 2.18 20.23 -25.16
CA GLU A 760 1.80 20.81 -26.45
C GLU A 760 2.54 20.28 -27.66
N ASN A 761 3.71 19.69 -27.45
CA ASN A 761 4.55 19.25 -28.54
C ASN A 761 4.07 17.91 -29.09
N PRO A 762 3.57 17.90 -30.35
CA PRO A 762 3.02 16.65 -30.89
C PRO A 762 4.04 15.50 -30.95
N SER A 763 5.32 15.82 -31.04
CA SER A 763 6.36 14.79 -31.11
C SER A 763 6.53 14.01 -29.79
N PHE A 764 5.93 14.49 -28.70
CA PHE A 764 5.97 13.75 -27.42
C PHE A 764 4.90 12.65 -27.32
N LYS A 765 3.87 12.73 -28.16
CA LYS A 765 2.70 11.87 -28.03
C LYS A 765 2.88 10.57 -28.82
N PRO A 766 2.76 9.40 -28.15
CA PRO A 766 2.87 8.16 -28.91
C PRO A 766 1.57 7.81 -29.63
N ALA A 767 1.69 7.07 -30.72
CA ALA A 767 0.57 6.52 -31.47
C ALA A 767 0.28 5.09 -31.02
N LYS A 768 -0.83 4.55 -31.51
CA LYS A 768 -1.22 3.18 -31.21
C LYS A 768 -0.08 2.19 -31.44
N GLY A 769 0.66 2.38 -32.53
CA GLY A 769 1.80 1.52 -32.86
C GLY A 769 2.84 1.45 -31.74
N HIS A 770 3.18 2.60 -31.18
CA HIS A 770 4.14 2.65 -30.06
C HIS A 770 3.59 1.92 -28.83
N ILE A 771 2.31 2.14 -28.56
CA ILE A 771 1.64 1.56 -27.40
C ILE A 771 1.63 0.02 -27.50
N LEU A 772 1.25 -0.50 -28.67
CA LEU A 772 1.25 -1.93 -28.90
C LEU A 772 2.66 -2.54 -28.86
N ALA A 773 3.65 -1.80 -29.37
CA ALA A 773 5.05 -2.23 -29.32
C ALA A 773 5.52 -2.34 -27.87
N ALA A 774 5.15 -1.36 -27.06
CA ALA A 774 5.48 -1.37 -25.63
C ALA A 774 4.89 -2.58 -24.93
N LEU A 775 3.62 -2.87 -25.22
CA LEU A 775 2.92 -4.00 -24.61
C LEU A 775 3.55 -5.33 -24.99
N ASP A 776 3.84 -5.50 -26.28
CA ASP A 776 4.43 -6.75 -26.77
C ASP A 776 5.79 -7.03 -26.12
N SER A 777 6.63 -6.00 -26.02
CA SER A 777 7.96 -6.17 -25.42
C SER A 777 7.87 -6.36 -23.90
N PHE A 778 6.91 -5.72 -23.26
CA PHE A 778 6.68 -5.90 -21.82
C PHE A 778 6.32 -7.36 -21.52
N VAL A 779 5.39 -7.89 -22.30
CA VAL A 779 4.94 -9.26 -22.13
C VAL A 779 6.09 -10.24 -22.39
N ASP A 780 6.94 -9.94 -23.39
CA ASP A 780 8.12 -10.76 -23.65
C ASP A 780 9.09 -10.84 -22.48
N ILE A 781 9.35 -9.71 -21.82
CA ILE A 781 10.29 -9.72 -20.70
C ILE A 781 9.69 -10.45 -19.50
N LEU A 782 8.38 -10.35 -19.29
CA LEU A 782 7.69 -11.18 -18.29
C LEU A 782 7.87 -12.67 -18.59
N LYS A 783 7.61 -13.04 -19.85
CA LYS A 783 7.79 -14.42 -20.31
C LYS A 783 9.21 -14.91 -20.01
N ILE A 784 10.21 -14.06 -20.25
CA ILE A 784 11.60 -14.39 -19.95
C ILE A 784 11.84 -14.65 -18.45
N ARG A 785 11.27 -13.79 -17.59
CA ARG A 785 11.41 -14.00 -16.14
C ARG A 785 10.93 -15.39 -15.71
N TYR A 786 9.81 -15.82 -16.27
CA TYR A 786 9.18 -17.09 -15.90
C TYR A 786 9.67 -18.27 -16.76
N SER A 787 10.61 -18.01 -17.65
CA SER A 787 11.25 -19.06 -18.47
C SER A 787 12.35 -19.79 -17.69
N SER A 788 12.87 -19.16 -16.64
CA SER A 788 13.95 -19.73 -15.84
C SER A 788 13.85 -19.37 -14.35
N PRO A 789 13.96 -20.37 -13.47
CA PRO A 789 13.95 -20.10 -12.03
C PRO A 789 15.18 -19.29 -11.55
N LEU A 790 16.18 -19.16 -12.42
CA LEU A 790 17.38 -18.38 -12.09
C LEU A 790 17.10 -16.90 -11.90
N PHE A 791 16.04 -16.39 -12.51
CA PHE A 791 15.66 -14.98 -12.32
C PHE A 791 14.97 -14.74 -10.98
N ARG A 792 14.56 -15.83 -10.31
CA ARG A 792 13.68 -15.79 -9.16
C ARG A 792 14.25 -16.60 -8.00
N LEU A 793 15.53 -16.40 -7.71
CA LEU A 793 16.20 -17.16 -6.65
C LEU A 793 15.55 -16.83 -5.30
N SER A 794 15.44 -17.83 -4.44
CA SER A 794 14.58 -17.70 -3.27
C SER A 794 15.30 -17.27 -2.00
N THR A 795 16.64 -17.31 -1.98
CA THR A 795 17.38 -16.98 -0.77
C THR A 795 18.57 -16.09 -1.06
N ALA A 796 19.02 -15.39 -0.03
CA ALA A 796 20.21 -14.55 -0.13
C ALA A 796 21.45 -15.39 -0.45
N ASN A 797 21.52 -16.60 0.10
CA ASN A 797 22.63 -17.54 -0.13
C ASN A 797 22.77 -17.88 -1.60
N ASP A 798 21.62 -18.18 -2.23
CA ASP A 798 21.58 -18.50 -3.66
C ASP A 798 22.09 -17.34 -4.51
N ILE A 799 21.67 -16.13 -4.15
CA ILE A 799 22.05 -14.92 -4.89
C ILE A 799 23.54 -14.63 -4.74
N LYS A 800 24.05 -14.74 -3.51
CA LYS A 800 25.47 -14.52 -3.25
C LYS A 800 26.33 -15.55 -4.02
N GLN A 801 25.84 -16.78 -4.11
CA GLN A 801 26.55 -17.84 -4.84
C GLN A 801 26.45 -17.74 -6.37
N ARG A 802 25.32 -17.24 -6.89
CA ARG A 802 25.00 -17.37 -8.32
C ARG A 802 25.01 -16.09 -9.15
N VAL A 803 24.79 -14.94 -8.52
CA VAL A 803 24.64 -13.67 -9.25
C VAL A 803 25.93 -12.87 -9.19
N ARG A 804 26.44 -12.51 -10.37
CA ARG A 804 27.66 -11.73 -10.51
C ARG A 804 27.43 -10.62 -11.53
N PHE A 805 28.01 -9.45 -11.26
CA PHE A 805 28.01 -8.34 -12.20
C PHE A 805 29.37 -8.20 -12.85
N HIS A 806 29.38 -7.92 -14.15
CA HIS A 806 30.58 -8.02 -14.98
C HIS A 806 31.08 -6.71 -15.58
N ASN A 807 30.36 -5.62 -15.35
CA ASN A 807 30.84 -4.29 -15.73
C ASN A 807 30.91 -3.39 -14.50
N THR A 808 32.02 -3.47 -13.79
CA THR A 808 32.20 -2.78 -12.51
C THR A 808 33.56 -2.09 -12.44
N GLY A 809 33.76 -1.32 -11.38
CA GLY A 809 35.06 -0.71 -11.09
C GLY A 809 35.24 0.68 -11.70
N PRO A 810 36.40 1.32 -11.45
CA PRO A 810 36.63 2.69 -11.94
C PRO A 810 36.63 2.85 -13.46
N SER A 811 36.96 1.79 -14.20
CA SER A 811 36.95 1.86 -15.65
C SER A 811 35.73 1.16 -16.26
N LEU A 812 34.62 1.11 -15.51
CA LEU A 812 33.40 0.51 -16.06
C LEU A 812 32.93 1.28 -17.27
N VAL A 813 32.27 0.58 -18.18
CA VAL A 813 31.69 1.20 -19.35
C VAL A 813 30.41 1.93 -18.93
N PRO A 814 30.36 3.26 -19.09
CA PRO A 814 29.15 3.98 -18.68
C PRO A 814 27.90 3.54 -19.43
N GLY A 815 26.78 3.41 -18.72
CA GLY A 815 25.49 3.12 -19.34
C GLY A 815 25.19 1.66 -19.61
N VAL A 816 25.99 0.76 -19.05
CA VAL A 816 25.81 -0.67 -19.27
C VAL A 816 25.87 -1.43 -17.95
N ILE A 817 24.89 -2.30 -17.72
CA ILE A 817 24.93 -3.25 -16.61
C ILE A 817 24.93 -4.66 -17.18
N VAL A 818 25.85 -5.50 -16.74
CA VAL A 818 25.92 -6.89 -17.18
C VAL A 818 25.75 -7.78 -15.97
N MET A 819 24.71 -8.60 -15.98
CA MET A 819 24.36 -9.44 -14.85
C MET A 819 24.36 -10.90 -15.28
N GLY A 820 25.19 -11.71 -14.63
CA GLY A 820 25.26 -13.14 -14.92
C GLY A 820 24.68 -13.95 -13.77
N ILE A 821 23.95 -15.02 -14.11
CA ILE A 821 23.41 -15.93 -13.11
C ILE A 821 23.74 -17.38 -13.46
N GLU A 822 24.43 -18.04 -12.54
CA GLU A 822 24.98 -19.39 -12.74
C GLU A 822 24.07 -20.47 -12.20
N ASP A 823 24.00 -21.60 -12.93
CA ASP A 823 23.37 -22.83 -12.44
C ASP A 823 24.42 -23.95 -12.42
N ALA A 824 24.04 -25.09 -11.85
CA ALA A 824 24.91 -26.27 -11.82
C ALA A 824 25.31 -26.70 -13.23
N ARG A 825 26.58 -27.06 -13.41
CA ARG A 825 27.04 -27.60 -14.70
C ARG A 825 28.21 -28.56 -14.51
N GLY A 826 28.10 -29.74 -15.12
CA GLY A 826 29.04 -30.84 -14.91
C GLY A 826 28.64 -31.69 -13.72
N GLU A 827 29.13 -32.94 -13.68
CA GLU A 827 28.81 -33.85 -12.58
C GLU A 827 29.56 -33.42 -11.32
N SER A 828 28.93 -33.65 -10.16
CA SER A 828 29.43 -33.14 -8.88
C SER A 828 29.68 -31.63 -8.94
N PRO A 829 28.59 -30.83 -9.07
CA PRO A 829 28.73 -29.38 -9.09
C PRO A 829 28.75 -28.81 -7.67
N GLU A 830 29.10 -27.53 -7.55
CA GLU A 830 29.13 -26.86 -6.25
C GLU A 830 27.73 -26.48 -5.73
N MET A 831 26.73 -26.58 -6.60
CA MET A 831 25.37 -26.12 -6.30
C MET A 831 24.32 -27.08 -6.86
N ALA A 832 23.07 -26.89 -6.42
CA ALA A 832 21.94 -27.64 -6.94
C ALA A 832 21.56 -27.13 -8.32
N GLN A 833 21.01 -28.01 -9.15
CA GLN A 833 20.52 -27.63 -10.48
C GLN A 833 19.09 -27.14 -10.37
N LEU A 834 18.90 -25.84 -10.59
CA LEU A 834 17.59 -25.22 -10.50
C LEU A 834 16.87 -25.20 -11.85
N ASP A 835 17.63 -25.18 -12.94
CA ASP A 835 17.08 -24.99 -14.27
C ASP A 835 17.40 -26.19 -15.18
N THR A 836 16.35 -26.82 -15.72
CA THR A 836 16.51 -27.99 -16.58
C THR A 836 16.84 -27.62 -18.04
N ASN A 837 16.56 -26.38 -18.43
CA ASN A 837 16.78 -25.92 -19.81
C ASN A 837 18.08 -25.17 -20.03
N PHE A 838 18.44 -24.31 -19.07
CA PHE A 838 19.61 -23.43 -19.20
C PHE A 838 20.57 -23.66 -18.03
N SER A 839 21.87 -23.55 -18.31
CA SER A 839 22.92 -23.67 -17.26
C SER A 839 23.51 -22.33 -16.85
N TYR A 840 23.13 -21.26 -17.55
CA TYR A 840 23.67 -19.93 -17.28
C TYR A 840 22.83 -18.90 -18.02
N VAL A 841 22.62 -17.75 -17.39
CA VAL A 841 21.92 -16.65 -18.04
C VAL A 841 22.73 -15.35 -17.86
N VAL A 842 22.77 -14.54 -18.92
CA VAL A 842 23.42 -13.22 -18.87
C VAL A 842 22.46 -12.18 -19.44
N THR A 843 22.24 -11.11 -18.67
CA THR A 843 21.39 -10.00 -19.08
C THR A 843 22.27 -8.78 -19.25
N VAL A 844 22.13 -8.10 -20.40
CA VAL A 844 22.86 -6.87 -20.64
C VAL A 844 21.85 -5.76 -20.80
N PHE A 845 21.90 -4.78 -19.90
CA PHE A 845 21.07 -3.58 -20.01
C PHE A 845 21.96 -2.48 -20.58
N ASN A 846 21.67 -2.06 -21.81
CA ASN A 846 22.41 -0.98 -22.45
C ASN A 846 21.58 0.28 -22.60
N VAL A 847 21.83 1.29 -21.76
CA VAL A 847 21.11 2.56 -21.89
C VAL A 847 21.81 3.56 -22.82
N CYS A 848 22.98 3.20 -23.34
CA CYS A 848 23.66 4.05 -24.31
C CYS A 848 22.84 4.16 -25.60
N PRO A 849 22.90 5.33 -26.26
CA PRO A 849 22.20 5.51 -27.54
C PRO A 849 22.91 4.86 -28.72
N HIS A 850 23.93 4.05 -28.46
CA HIS A 850 24.68 3.38 -29.50
C HIS A 850 24.91 1.94 -29.10
N GLU A 851 25.20 1.10 -30.08
CA GLU A 851 25.59 -0.28 -29.84
C GLU A 851 26.83 -0.36 -28.93
N VAL A 852 26.84 -1.36 -28.06
CA VAL A 852 28.01 -1.66 -27.23
C VAL A 852 28.43 -3.13 -27.39
N SER A 853 29.73 -3.38 -27.29
CA SER A 853 30.26 -4.73 -27.24
C SER A 853 31.00 -4.93 -25.94
N MET A 854 30.51 -5.88 -25.14
CA MET A 854 31.08 -6.14 -23.83
C MET A 854 31.80 -7.48 -23.87
N ASP A 855 33.13 -7.45 -23.76
CA ASP A 855 33.94 -8.67 -23.69
C ASP A 855 34.10 -9.11 -22.25
N ILE A 856 33.62 -10.32 -21.94
CA ILE A 856 33.75 -10.89 -20.59
C ILE A 856 34.47 -12.24 -20.69
N PRO A 857 35.79 -12.26 -20.40
CA PRO A 857 36.62 -13.47 -20.44
C PRO A 857 36.06 -14.63 -19.63
N ALA A 858 35.49 -14.32 -18.46
CA ALA A 858 34.85 -15.33 -17.61
C ALA A 858 33.73 -16.07 -18.34
N LEU A 859 33.06 -15.37 -19.25
CA LEU A 859 31.95 -15.94 -20.02
C LEU A 859 32.32 -16.29 -21.46
N ALA A 860 33.61 -16.24 -21.77
CA ALA A 860 34.11 -16.67 -23.09
C ALA A 860 34.08 -18.20 -23.19
N SER A 861 34.05 -18.69 -24.43
CA SER A 861 34.10 -20.12 -24.72
C SER A 861 32.92 -20.90 -24.13
N MET A 862 31.75 -20.28 -24.09
CA MET A 862 30.53 -20.93 -23.62
C MET A 862 29.48 -20.94 -24.73
N GLY A 863 28.38 -21.65 -24.49
CA GLY A 863 27.37 -21.88 -25.52
C GLY A 863 26.21 -20.90 -25.51
N PHE A 864 26.47 -19.64 -25.20
CA PHE A 864 25.42 -18.63 -25.12
C PHE A 864 24.74 -18.36 -26.46
N GLU A 865 23.43 -18.17 -26.38
CA GLU A 865 22.59 -17.78 -27.50
C GLU A 865 21.65 -16.71 -26.98
N LEU A 866 21.09 -15.92 -27.89
CA LEU A 866 20.03 -15.00 -27.52
C LEU A 866 18.85 -15.81 -27.01
N HIS A 867 18.17 -15.31 -25.98
CA HIS A 867 17.00 -15.99 -25.43
C HIS A 867 15.97 -16.25 -26.53
N PRO A 868 15.39 -17.46 -26.59
CA PRO A 868 14.41 -17.79 -27.64
C PRO A 868 13.27 -16.77 -27.81
N VAL A 869 12.75 -16.24 -26.70
CA VAL A 869 11.76 -15.17 -26.74
C VAL A 869 12.25 -13.94 -27.52
N GLN A 870 13.52 -13.58 -27.34
CA GLN A 870 14.08 -12.42 -28.03
C GLN A 870 14.50 -12.73 -29.46
N VAL A 871 14.95 -13.96 -29.70
CA VAL A 871 15.18 -14.42 -31.07
C VAL A 871 13.86 -14.27 -31.82
N ASN A 872 12.76 -14.52 -31.11
CA ASN A 872 11.42 -14.49 -31.67
C ASN A 872 10.67 -13.15 -31.49
N SER A 873 11.40 -12.08 -31.17
CA SER A 873 10.79 -10.78 -30.82
C SER A 873 10.27 -9.98 -32.02
N SER A 874 9.23 -9.18 -31.79
CA SER A 874 8.71 -8.26 -32.81
CA SER A 874 8.71 -8.26 -32.81
C SER A 874 9.62 -7.04 -32.93
N ASP A 875 10.44 -6.78 -31.91
CA ASP A 875 11.39 -5.68 -31.95
C ASP A 875 12.55 -6.07 -32.85
N THR A 876 12.73 -5.30 -33.93
CA THR A 876 13.79 -5.58 -34.88
C THR A 876 15.18 -5.45 -34.26
N LEU A 877 15.37 -4.50 -33.34
CA LEU A 877 16.72 -4.25 -32.79
C LEU A 877 17.25 -5.37 -31.91
N VAL A 878 16.46 -5.84 -30.96
CA VAL A 878 16.93 -6.87 -30.02
C VAL A 878 17.33 -8.18 -30.72
N ARG A 879 16.65 -8.51 -31.82
CA ARG A 879 17.01 -9.69 -32.61
C ARG A 879 18.45 -9.64 -33.17
N LYS A 880 18.99 -8.43 -33.29
CA LYS A 880 20.36 -8.26 -33.82
C LYS A 880 21.44 -8.53 -32.77
N SER A 881 21.03 -8.70 -31.51
CA SER A 881 21.96 -8.97 -30.40
C SER A 881 22.72 -10.28 -30.66
N ALA A 882 23.96 -10.35 -30.20
CA ALA A 882 24.81 -11.49 -30.52
C ALA A 882 25.89 -11.78 -29.48
N TYR A 883 26.31 -13.04 -29.46
CA TYR A 883 27.41 -13.51 -28.62
C TYR A 883 28.48 -14.17 -29.48
N GLU A 884 29.74 -13.89 -29.17
CA GLU A 884 30.86 -14.54 -29.86
C GLU A 884 31.73 -15.24 -28.83
N ALA A 885 31.82 -16.57 -28.95
CA ALA A 885 32.49 -17.41 -27.95
C ALA A 885 33.99 -17.18 -27.82
N ALA A 886 34.67 -16.89 -28.92
CA ALA A 886 36.13 -16.75 -28.91
C ALA A 886 36.62 -15.71 -27.91
N THR A 887 35.86 -14.62 -27.77
CA THR A 887 36.22 -13.53 -26.85
C THR A 887 35.21 -13.30 -25.72
N GLY A 888 34.10 -14.04 -25.72
CA GLY A 888 33.03 -13.81 -24.75
C GLY A 888 32.43 -12.43 -24.93
N ARG A 889 32.22 -12.06 -26.19
CA ARG A 889 31.76 -10.73 -26.56
C ARG A 889 30.26 -10.73 -26.76
N PHE A 890 29.58 -9.88 -26.00
CA PHE A 890 28.15 -9.66 -26.12
C PHE A 890 27.92 -8.31 -26.80
N THR A 891 27.29 -8.33 -27.97
CA THR A 891 27.01 -7.12 -28.71
C THR A 891 25.52 -6.81 -28.60
N VAL A 892 25.23 -5.60 -28.11
CA VAL A 892 23.88 -5.19 -27.77
C VAL A 892 23.60 -3.81 -28.36
N PRO A 893 22.54 -3.69 -29.18
CA PRO A 893 22.17 -2.38 -29.75
C PRO A 893 21.87 -1.32 -28.71
N GLY A 894 21.83 -0.07 -29.15
CA GLY A 894 21.50 1.05 -28.28
C GLY A 894 20.13 0.91 -27.67
N ARG A 895 19.99 1.36 -26.42
CA ARG A 895 18.72 1.42 -25.72
C ARG A 895 17.98 0.08 -25.77
N THR A 896 18.69 -0.99 -25.40
CA THR A 896 18.16 -2.35 -25.52
C THR A 896 18.57 -3.17 -24.31
N VAL A 897 17.71 -4.12 -23.93
CA VAL A 897 18.06 -5.13 -22.95
C VAL A 897 18.05 -6.47 -23.66
N SER A 898 19.18 -7.17 -23.60
CA SER A 898 19.34 -8.44 -24.30
C SER A 898 19.62 -9.53 -23.27
N VAL A 899 18.91 -10.65 -23.41
CA VAL A 899 19.08 -11.78 -22.49
C VAL A 899 19.67 -12.95 -23.25
N PHE A 900 20.77 -13.46 -22.72
CA PHE A 900 21.48 -14.58 -23.33
C PHE A 900 21.41 -15.78 -22.40
N VAL A 901 21.25 -16.96 -23.00
CA VAL A 901 21.16 -18.20 -22.26
C VAL A 901 22.13 -19.21 -22.81
N GLU A 902 22.65 -20.06 -21.92
CA GLU A 902 23.43 -21.23 -22.30
C GLU A 902 22.51 -22.46 -22.21
N PRO A 903 22.06 -23.00 -23.36
CA PRO A 903 21.13 -24.13 -23.31
C PRO A 903 21.78 -25.40 -22.79
N ARG A 904 20.98 -26.24 -22.15
CA ARG A 904 21.38 -27.60 -21.81
C ARG A 904 20.99 -28.52 -22.96
C1 GLC B . 14.62 12.91 0.96
C2 GLC B . 15.02 11.46 1.24
C3 GLC B . 14.03 10.46 0.66
C4 GLC B . 12.61 10.85 1.00
C5 GLC B . 12.33 12.31 0.64
C6 GLC B . 10.94 12.80 1.02
O1 GLC B . 15.02 13.32 -0.34
O2 GLC B . 16.28 11.21 0.68
O3 GLC B . 14.38 9.18 1.14
O4 GLC B . 11.75 10.06 0.21
O5 GLC B . 13.25 13.18 1.27
O6 GLC B . 10.97 13.37 2.31
C1 GLC B . 11.31 8.86 0.85
C2 GLC B . 10.86 7.96 -0.28
C3 GLC B . 9.59 8.53 -0.91
C4 GLC B . 8.56 8.70 0.19
C5 GLC B . 9.07 9.59 1.30
C6 GLC B . 8.08 9.66 2.46
O2 GLC B . 11.88 7.89 -1.25
O3 GLC B . 9.11 7.67 -1.93
O4 GLC B . 7.40 9.28 -0.38
O5 GLC B . 10.29 9.08 1.81
O6 GLC B . 8.59 10.53 3.43
C1 GLC B . 6.38 8.31 -0.61
C2 GLC B . 5.79 8.58 -1.98
C3 GLC B . 5.01 9.88 -1.99
C4 GLC B . 3.99 9.91 -0.87
C5 GLC B . 4.65 9.57 0.46
C6 GLC B . 3.61 9.42 1.56
O2 GLC B . 6.83 8.61 -2.93
O3 GLC B . 4.32 10.01 -3.22
O4 GLC B . 3.41 11.21 -0.81
O5 GLC B . 5.38 8.35 0.39
O6 GLC B . 3.81 10.47 2.48
C1 GLC B . 1.99 11.23 -1.07
C2 GLC B . 1.69 12.29 -2.13
C3 GLC B . 1.90 13.70 -1.60
C4 GLC B . 1.17 13.89 -0.28
C5 GLC B . 1.41 12.76 0.71
C6 GLC B . 0.46 12.87 1.90
O2 GLC B . 2.48 12.10 -3.28
O3 GLC B . 1.41 14.62 -2.56
O4 GLC B . 1.59 15.09 0.32
O5 GLC B . 1.26 11.48 0.13
O6 GLC B . 0.71 11.82 2.81
C1 GLC C . -3.06 9.90 -1.00
C2 GLC C . -2.77 11.15 -1.83
C3 GLC C . -2.67 12.37 -0.94
C4 GLC C . -3.96 12.48 -0.13
C5 GLC C . -4.24 11.17 0.62
C6 GLC C . -5.58 11.24 1.37
O1 GLC C . -1.92 9.47 -0.24
O2 GLC C . -1.58 11.00 -2.55
O3 GLC C . -2.50 13.52 -1.72
O4 GLC C . -3.85 13.57 0.75
O5 GLC C . -4.25 10.05 -0.26
O6 GLC C . -6.65 11.24 0.46
C1 GLC C . -4.49 14.77 0.28
C2 GLC C . -3.59 15.96 0.53
C3 GLC C . -3.50 16.27 2.02
C4 GLC C . -4.90 16.50 2.57
C5 GLC C . -5.75 15.26 2.24
C6 GLC C . -7.21 15.41 2.65
O2 GLC C . -2.30 15.71 0.02
O3 GLC C . -2.68 17.40 2.19
O4 GLC C . -4.88 16.69 3.98
O5 GLC C . -5.75 14.97 0.86
O6 GLC C . -7.78 16.50 1.96
C1 GLC C . -4.85 18.08 4.36
C2 GLC C . -4.34 18.20 5.80
C3 GLC C . -5.38 17.60 6.75
C4 GLC C . -6.71 18.32 6.56
C5 GLC C . -7.14 18.27 5.10
C6 GLC C . -8.37 19.13 4.86
O2 GLC C . -3.13 17.50 5.95
O3 GLC C . -4.95 17.74 8.09
O4 GLC C . -7.68 17.67 7.36
O5 GLC C . -6.10 18.73 4.24
O6 GLC C . -8.99 18.74 3.65
C1 GLC D . 0.67 -19.64 -12.40
C2 GLC D . 0.34 -18.45 -13.31
C3 GLC D . -1.08 -18.46 -13.88
C4 GLC D . -1.50 -19.87 -14.19
C5 GLC D . -1.58 -20.60 -12.85
C6 GLC D . -1.97 -22.06 -12.98
O1 GLC D . 1.09 -19.22 -11.13
O2 GLC D . 0.61 -17.17 -12.73
O3 GLC D . -1.09 -17.68 -15.05
O4 GLC D . -2.76 -19.83 -14.83
O5 GLC D . -0.36 -20.58 -12.13
O6 GLC D . -2.21 -22.54 -11.68
C1 GLC D . -2.70 -20.10 -16.24
C2 GLC D . -3.58 -19.11 -16.99
C3 GLC D . -5.05 -19.33 -16.67
C4 GLC D . -5.44 -20.79 -16.93
C5 GLC D . -4.44 -21.77 -16.31
C6 GLC D . -4.65 -23.17 -16.87
O2 GLC D . -3.16 -17.79 -16.69
O3 GLC D . -5.83 -18.47 -17.49
O4 GLC D . -6.71 -21.13 -16.37
O5 GLC D . -3.09 -21.43 -16.57
O6 GLC D . -3.95 -24.08 -16.06
C1 GLC D . -7.85 -20.52 -17.00
C2 GLC D . -9.11 -21.16 -16.43
C3 GLC D . -9.24 -22.62 -16.87
C4 GLC D . -9.20 -22.71 -18.40
C5 GLC D . -7.95 -21.98 -18.90
C6 GLC D . -7.87 -21.89 -20.42
O2 GLC D . -9.12 -21.07 -15.02
O3 GLC D . -10.42 -23.17 -16.33
O4 GLC D . -9.16 -24.06 -18.80
O5 GLC D . -7.88 -20.65 -18.42
O6 GLC D . -6.54 -21.64 -20.82
C1 GLC D . -10.44 -24.67 -19.10
C2 GLC D . -10.25 -26.17 -19.35
C3 GLC D . -9.51 -26.42 -20.67
C4 GLC D . -10.16 -25.67 -21.82
C5 GLC D . -10.40 -24.21 -21.43
C6 GLC D . -11.19 -23.45 -22.50
O2 GLC D . -9.56 -26.77 -18.29
O3 GLC D . -9.48 -27.81 -20.97
O4 GLC D . -9.31 -25.69 -22.94
O5 GLC D . -11.11 -24.14 -20.22
O6 GLC D . -11.02 -22.07 -22.37
I IOD E . 12.31 -7.86 -25.33
I IOD F . -35.15 8.58 8.95
I IOD G . -3.46 -25.75 3.87
I IOD H . 8.33 -17.24 -27.96
I IOD H . 9.77 -19.42 -26.97
I IOD I . 8.89 -5.89 17.76
I IOD I . 8.15 -8.01 16.91
I IOD J . -3.65 -1.99 -35.94
I IOD J . -0.99 0.11 -35.41
CA CA K . -13.21 12.94 -6.48
C1 GOL L . -14.65 14.66 -14.58
O1 GOL L . -15.61 15.16 -13.65
C2 GOL L . -13.85 13.52 -13.98
O2 GOL L . -12.94 13.03 -14.97
C3 GOL L . -14.77 12.39 -13.55
O3 GOL L . -14.07 11.46 -12.73
#